data_1UR4
#
_entry.id   1UR4
#
_cell.length_a   50.330
_cell.length_b   79.520
_cell.length_c   104.890
_cell.angle_alpha   90.00
_cell.angle_beta   100.52
_cell.angle_gamma   90.00
#
_symmetry.space_group_name_H-M   'P 1 21 1'
#
loop_
_entity.id
_entity.type
_entity.pdbx_description
1 polymer GALACTANASE
2 branched beta-D-galactopyranose-(1-4)-beta-D-galactopyranose
3 non-polymer DI(HYDROXYETHYL)ETHER
4 non-polymer 'CALCIUM ION'
5 non-polymer 'TRIETHYLENE GLYCOL'
6 water water
#
_entity_poly.entity_id   1
_entity_poly.type   'polypeptide(L)'
_entity_poly.pdbx_seq_one_letter_code
;AHRDSGTAKSGLYVEKVSGLRKDFIKGVDVSSIIALEESGVAFYNESGKKQDIFKTLKEAGVNYVRVRIWNDPYDANGNG
YGGGNNDLEKAIQIGKRATANGMKLLADFHYSDFWADPAKQKAPKAWANLNFEDKKTALYQYTKQSLKAMKAAGIDIGMV
QVGNETNGGLAGETDWAKMSQLFNAGSQAVRETDSNILVALHFTNPETSGRYAWIAETLHRHHVDYDVFASSYYPFWHGT
LKNLTSVLTSVADTYGKKVMVAETSYTYTAEDGDGHGNTAPKNGQTLNNPVTVQGQANAVRDVIQAVSDVGEAGIGVFYW
EPAWIPVGPAHRLEKNKALWETYGSGWATSYAAEYDPEDAGKWFGGSAVDNQALFDFKGRPLPSLHVFQYVDTGTPFKN
;
_entity_poly.pdbx_strand_id   A,B
#
# COMPACT_ATOMS: atom_id res chain seq x y z
N GLY A 11 1.48 11.61 -9.27
CA GLY A 11 0.63 12.76 -9.51
C GLY A 11 0.07 13.38 -8.25
N LEU A 12 -0.73 12.65 -7.47
CA LEU A 12 -1.38 13.16 -6.27
C LEU A 12 -0.38 13.61 -5.25
N TYR A 13 -0.75 14.66 -4.52
CA TYR A 13 0.08 15.22 -3.45
C TYR A 13 -0.61 15.10 -2.09
N VAL A 14 0.10 14.60 -1.08
CA VAL A 14 -0.43 14.52 0.29
C VAL A 14 0.66 14.96 1.26
N GLU A 15 0.38 16.03 1.99
CA GLU A 15 1.35 16.52 2.94
C GLU A 15 1.27 15.68 4.21
N LYS A 16 2.42 15.18 4.66
CA LYS A 16 2.49 14.35 5.86
C LYS A 16 1.75 15.01 7.02
N VAL A 17 0.99 14.23 7.78
CA VAL A 17 0.26 14.74 8.92
C VAL A 17 1.22 14.73 10.11
N SER A 18 1.55 15.91 10.62
CA SER A 18 2.49 15.99 11.72
C SER A 18 1.88 15.52 13.04
N GLY A 19 2.60 14.63 13.72
CA GLY A 19 2.13 14.12 15.00
C GLY A 19 1.16 12.97 14.92
N LEU A 20 0.89 12.48 13.72
CA LEU A 20 -0.05 11.36 13.57
C LEU A 20 0.48 10.13 14.28
N ARG A 21 -0.33 9.56 15.18
CA ARG A 21 0.05 8.36 15.91
C ARG A 21 0.06 7.20 14.91
N LYS A 22 0.78 6.13 15.25
CA LYS A 22 0.88 4.98 14.37
C LYS A 22 -0.36 4.09 14.33
N ASP A 23 -1.07 4.01 15.45
CA ASP A 23 -2.27 3.19 15.53
C ASP A 23 -3.57 3.99 15.28
N PHE A 24 -3.44 5.13 14.60
CA PHE A 24 -4.59 5.97 14.29
C PHE A 24 -5.60 5.19 13.44
N ILE A 25 -6.87 5.30 13.82
CA ILE A 25 -7.94 4.61 13.12
C ILE A 25 -8.25 5.26 11.76
N LYS A 26 -8.16 4.47 10.71
CA LYS A 26 -8.43 4.92 9.35
C LYS A 26 -9.61 4.09 8.87
N GLY A 27 -10.82 4.62 9.01
CA GLY A 27 -11.98 3.85 8.63
C GLY A 27 -12.82 4.35 7.47
N VAL A 28 -13.70 3.47 7.03
CA VAL A 28 -14.62 3.77 5.94
C VAL A 28 -15.93 3.09 6.27
N ASP A 29 -17.03 3.77 5.95
CA ASP A 29 -18.34 3.19 6.16
C ASP A 29 -18.82 2.86 4.75
N VAL A 30 -18.92 1.57 4.43
CA VAL A 30 -19.37 1.13 3.10
C VAL A 30 -20.62 0.26 3.22
N SER A 31 -21.55 0.73 4.03
CA SER A 31 -22.80 0.02 4.30
C SER A 31 -23.60 -0.30 3.04
N SER A 32 -23.55 0.57 2.04
CA SER A 32 -24.29 0.37 0.81
C SER A 32 -23.71 -0.72 -0.11
N ILE A 33 -22.56 -1.26 0.25
CA ILE A 33 -21.90 -2.27 -0.58
C ILE A 33 -22.72 -3.50 -0.98
N ILE A 34 -23.45 -4.10 -0.04
CA ILE A 34 -24.24 -5.28 -0.40
C ILE A 34 -25.35 -4.96 -1.42
N ALA A 35 -26.15 -3.94 -1.16
CA ALA A 35 -27.21 -3.60 -2.09
C ALA A 35 -26.62 -3.28 -3.47
N LEU A 36 -25.45 -2.66 -3.49
CA LEU A 36 -24.80 -2.29 -4.74
C LEU A 36 -24.33 -3.51 -5.53
N GLU A 37 -23.69 -4.45 -4.85
CA GLU A 37 -23.22 -5.66 -5.52
C GLU A 37 -24.41 -6.45 -6.06
N GLU A 38 -25.54 -6.41 -5.35
CA GLU A 38 -26.73 -7.12 -5.79
C GLU A 38 -27.33 -6.41 -7.01
N SER A 39 -27.00 -5.13 -7.16
CA SER A 39 -27.49 -4.34 -8.27
C SER A 39 -26.58 -4.52 -9.48
N GLY A 40 -25.52 -5.30 -9.31
CA GLY A 40 -24.59 -5.54 -10.39
C GLY A 40 -23.36 -4.66 -10.44
N VAL A 41 -23.18 -3.80 -9.43
CA VAL A 41 -22.02 -2.91 -9.39
C VAL A 41 -20.75 -3.70 -9.06
N ALA A 42 -19.67 -3.40 -9.76
CA ALA A 42 -18.40 -4.08 -9.53
C ALA A 42 -17.28 -3.10 -9.24
N PHE A 43 -16.32 -3.51 -8.42
CA PHE A 43 -15.20 -2.66 -8.09
C PHE A 43 -13.89 -3.28 -8.54
N TYR A 44 -12.88 -2.43 -8.77
CA TYR A 44 -11.58 -2.90 -9.23
C TYR A 44 -10.43 -2.36 -8.38
N ASN A 45 -9.23 -2.83 -8.67
CA ASN A 45 -8.05 -2.39 -7.94
C ASN A 45 -7.25 -1.50 -8.88
N GLU A 46 -6.05 -1.11 -8.44
CA GLU A 46 -5.18 -0.27 -9.24
C GLU A 46 -4.93 -0.87 -10.63
N SER A 47 -4.54 -2.14 -10.67
CA SER A 47 -4.26 -2.85 -11.91
C SER A 47 -5.41 -2.87 -12.91
N GLY A 48 -6.62 -2.67 -12.41
CA GLY A 48 -7.77 -2.65 -13.29
C GLY A 48 -8.52 -3.96 -13.41
N LYS A 49 -8.32 -4.85 -12.44
CA LYS A 49 -9.01 -6.14 -12.47
C LYS A 49 -10.00 -6.25 -11.31
N LYS A 50 -11.18 -6.80 -11.59
CA LYS A 50 -12.22 -6.97 -10.59
C LYS A 50 -11.59 -7.51 -9.32
N GLN A 51 -12.02 -6.95 -8.18
CA GLN A 51 -11.48 -7.35 -6.88
C GLN A 51 -12.41 -6.92 -5.75
N ASP A 52 -12.50 -7.75 -4.71
CA ASP A 52 -13.36 -7.46 -3.57
C ASP A 52 -12.94 -6.10 -3.01
N ILE A 53 -13.90 -5.18 -2.88
CA ILE A 53 -13.60 -3.84 -2.39
C ILE A 53 -12.91 -3.86 -1.03
N PHE A 54 -13.27 -4.83 -0.19
CA PHE A 54 -12.66 -4.92 1.12
C PHE A 54 -11.16 -5.22 1.06
N LYS A 55 -10.71 -5.86 -0.02
CA LYS A 55 -9.30 -6.17 -0.17
C LYS A 55 -8.62 -4.90 -0.62
N THR A 56 -9.27 -4.18 -1.54
CA THR A 56 -8.74 -2.93 -2.05
C THR A 56 -8.61 -1.90 -0.94
N LEU A 57 -9.61 -1.84 -0.06
CA LEU A 57 -9.57 -0.91 1.06
C LEU A 57 -8.39 -1.26 1.95
N LYS A 58 -8.24 -2.55 2.24
CA LYS A 58 -7.15 -3.02 3.09
C LYS A 58 -5.77 -2.60 2.55
N GLU A 59 -5.55 -2.81 1.25
CA GLU A 59 -4.28 -2.47 0.63
C GLU A 59 -4.06 -0.96 0.58
N ALA A 60 -5.15 -0.19 0.64
CA ALA A 60 -5.05 1.26 0.61
C ALA A 60 -4.70 1.82 1.99
N GLY A 61 -4.60 0.93 2.98
CA GLY A 61 -4.25 1.37 4.33
C GLY A 61 -5.41 1.51 5.32
N VAL A 62 -6.62 1.15 4.90
CA VAL A 62 -7.78 1.24 5.78
C VAL A 62 -7.64 0.14 6.84
N ASN A 63 -8.00 0.44 8.08
CA ASN A 63 -7.90 -0.55 9.15
C ASN A 63 -9.19 -0.69 9.96
N TYR A 64 -10.29 -0.15 9.43
CA TYR A 64 -11.56 -0.18 10.15
C TYR A 64 -12.75 0.00 9.21
N VAL A 65 -13.83 -0.72 9.47
CA VAL A 65 -15.02 -0.61 8.65
C VAL A 65 -16.19 -0.30 9.55
N ARG A 66 -16.96 0.72 9.20
CA ARG A 66 -18.15 1.13 9.97
C ARG A 66 -19.40 0.69 9.18
N VAL A 67 -20.40 0.16 9.88
CA VAL A 67 -21.64 -0.28 9.21
C VAL A 67 -22.87 0.18 10.00
N ARG A 68 -23.83 0.80 9.32
CA ARG A 68 -25.06 1.25 9.98
C ARG A 68 -26.01 0.06 10.09
N ILE A 69 -26.80 0.04 11.16
CA ILE A 69 -27.73 -1.06 11.38
C ILE A 69 -29.11 -0.57 11.79
N TRP A 70 -30.12 -0.89 10.97
CA TRP A 70 -31.51 -0.53 11.24
C TRP A 70 -32.19 -1.79 11.73
N ASN A 71 -33.12 -1.65 12.67
CA ASN A 71 -33.81 -2.80 13.23
C ASN A 71 -34.58 -3.62 12.20
N ASP A 72 -35.50 -2.97 11.50
CA ASP A 72 -36.32 -3.65 10.51
C ASP A 72 -36.62 -2.66 9.38
N PRO A 73 -35.64 -2.44 8.48
CA PRO A 73 -35.74 -1.52 7.34
C PRO A 73 -36.59 -2.04 6.18
N TYR A 74 -37.77 -2.60 6.48
CA TYR A 74 -38.67 -3.14 5.46
C TYR A 74 -40.13 -2.87 5.85
N ASP A 75 -41.03 -2.92 4.87
CA ASP A 75 -42.45 -2.73 5.18
C ASP A 75 -43.03 -4.11 5.54
N ALA A 76 -44.33 -4.15 5.79
CA ALA A 76 -44.99 -5.40 6.16
C ALA A 76 -44.73 -6.57 5.20
N ASN A 77 -44.66 -6.28 3.90
CA ASN A 77 -44.44 -7.33 2.91
C ASN A 77 -43.00 -7.72 2.67
N GLY A 78 -42.06 -7.03 3.32
CA GLY A 78 -40.67 -7.37 3.14
C GLY A 78 -39.95 -6.54 2.09
N ASN A 79 -40.57 -5.43 1.69
CA ASN A 79 -39.95 -4.55 0.70
C ASN A 79 -38.99 -3.58 1.37
N GLY A 80 -37.71 -3.68 1.00
CA GLY A 80 -36.68 -2.84 1.58
C GLY A 80 -36.91 -1.35 1.47
N TYR A 81 -36.53 -0.62 2.51
CA TYR A 81 -36.67 0.83 2.55
C TYR A 81 -35.58 1.48 1.71
N GLY A 82 -34.57 0.69 1.33
CA GLY A 82 -33.47 1.23 0.56
C GLY A 82 -32.34 1.70 1.46
N GLY A 83 -31.56 2.66 0.99
CA GLY A 83 -30.45 3.17 1.76
C GLY A 83 -29.46 2.05 2.08
N GLY A 84 -29.56 0.96 1.31
CA GLY A 84 -28.68 -0.18 1.50
C GLY A 84 -29.36 -1.33 2.22
N ASN A 85 -30.60 -1.09 2.67
CA ASN A 85 -31.37 -2.09 3.43
C ASN A 85 -30.49 -2.70 4.49
N ASN A 86 -29.78 -1.85 5.23
CA ASN A 86 -28.87 -2.30 6.26
C ASN A 86 -29.48 -2.81 7.57
N ASP A 87 -29.58 -4.12 7.68
CA ASP A 87 -30.11 -4.76 8.87
C ASP A 87 -28.96 -5.54 9.50
N LEU A 88 -29.24 -6.31 10.56
CA LEU A 88 -28.18 -7.09 11.23
C LEU A 88 -27.56 -8.11 10.28
N GLU A 89 -28.40 -8.66 9.40
CA GLU A 89 -27.96 -9.68 8.46
C GLU A 89 -26.85 -9.15 7.55
N LYS A 90 -27.01 -7.95 7.01
CA LYS A 90 -25.99 -7.37 6.14
C LYS A 90 -24.80 -6.91 6.96
N ALA A 91 -25.06 -6.48 8.19
CA ALA A 91 -23.97 -6.05 9.05
C ALA A 91 -23.01 -7.22 9.27
N ILE A 92 -23.57 -8.42 9.36
CA ILE A 92 -22.74 -9.61 9.57
C ILE A 92 -21.96 -9.92 8.30
N GLN A 93 -22.60 -9.80 7.14
CA GLN A 93 -21.92 -10.03 5.87
C GLN A 93 -20.72 -9.11 5.74
N ILE A 94 -20.95 -7.83 6.02
CA ILE A 94 -19.90 -6.82 5.94
C ILE A 94 -18.82 -7.06 6.98
N GLY A 95 -19.24 -7.37 8.21
CA GLY A 95 -18.30 -7.62 9.28
C GLY A 95 -17.35 -8.77 8.96
N LYS A 96 -17.89 -9.86 8.44
CA LYS A 96 -17.07 -11.02 8.09
C LYS A 96 -16.04 -10.71 7.02
N ARG A 97 -16.42 -9.88 6.06
CA ARG A 97 -15.50 -9.51 5.00
C ARG A 97 -14.47 -8.51 5.53
N ALA A 98 -14.89 -7.67 6.48
CA ALA A 98 -13.97 -6.69 7.06
C ALA A 98 -12.93 -7.49 7.85
N THR A 99 -13.42 -8.41 8.67
CA THR A 99 -12.55 -9.25 9.48
C THR A 99 -11.65 -10.10 8.61
N ALA A 100 -12.20 -10.64 7.52
CA ALA A 100 -11.43 -11.48 6.61
C ALA A 100 -10.30 -10.69 5.95
N ASN A 101 -10.43 -9.37 5.93
CA ASN A 101 -9.41 -8.53 5.32
C ASN A 101 -8.63 -7.74 6.35
N GLY A 102 -8.61 -8.27 7.58
CA GLY A 102 -7.88 -7.66 8.67
C GLY A 102 -8.26 -6.25 9.09
N MET A 103 -9.55 -5.95 9.13
CA MET A 103 -10.01 -4.63 9.53
C MET A 103 -11.04 -4.80 10.64
N LYS A 104 -10.92 -3.98 11.68
CA LYS A 104 -11.84 -4.01 12.82
C LYS A 104 -13.20 -3.48 12.36
N LEU A 105 -14.25 -3.79 13.11
CA LEU A 105 -15.59 -3.32 12.76
C LEU A 105 -16.16 -2.33 13.77
N LEU A 106 -16.92 -1.37 13.26
CA LEU A 106 -17.60 -0.37 14.08
C LEU A 106 -19.08 -0.60 13.78
N ALA A 107 -19.80 -1.20 14.72
CA ALA A 107 -21.23 -1.45 14.51
C ALA A 107 -21.98 -0.18 14.91
N ASP A 108 -22.70 0.40 13.95
CA ASP A 108 -23.45 1.64 14.20
C ASP A 108 -24.96 1.39 14.26
N PHE A 109 -25.47 1.23 15.48
CA PHE A 109 -26.89 1.01 15.71
C PHE A 109 -27.68 2.32 15.65
N HIS A 110 -28.57 2.47 14.67
CA HIS A 110 -29.39 3.66 14.57
C HIS A 110 -30.57 3.58 15.54
N TYR A 111 -30.93 2.34 15.91
CA TYR A 111 -32.07 2.11 16.81
C TYR A 111 -33.29 2.78 16.20
N SER A 112 -33.51 2.47 14.93
CA SER A 112 -34.62 2.99 14.14
C SER A 112 -34.71 2.06 12.94
N ASP A 113 -35.84 2.05 12.26
CA ASP A 113 -35.95 1.19 11.09
C ASP A 113 -35.36 1.87 9.87
N PHE A 114 -35.01 3.15 10.00
CA PHE A 114 -34.42 3.88 8.89
C PHE A 114 -33.51 5.03 9.37
N TRP A 115 -32.98 5.80 8.43
CA TRP A 115 -32.07 6.90 8.74
C TRP A 115 -32.32 7.64 10.04
N ALA A 116 -31.29 7.74 10.85
CA ALA A 116 -31.36 8.44 12.12
C ALA A 116 -30.39 9.61 12.03
N ASP A 117 -30.90 10.83 12.21
CA ASP A 117 -30.04 12.00 12.17
C ASP A 117 -30.60 13.12 13.04
N PRO A 118 -30.10 14.36 12.92
CA PRO A 118 -30.65 15.41 13.76
C PRO A 118 -32.17 15.57 13.72
N ALA A 119 -32.76 15.35 12.55
CA ALA A 119 -34.20 15.48 12.39
C ALA A 119 -34.99 14.19 12.56
N LYS A 120 -34.35 13.05 12.26
CA LYS A 120 -35.03 11.76 12.34
C LYS A 120 -34.43 10.78 13.36
N GLN A 121 -35.23 10.44 14.37
CA GLN A 121 -34.86 9.50 15.42
C GLN A 121 -36.15 8.76 15.76
N LYS A 122 -36.71 8.09 14.76
CA LYS A 122 -37.97 7.36 14.92
C LYS A 122 -37.79 5.99 15.53
N ALA A 123 -38.66 5.64 16.47
CA ALA A 123 -38.60 4.34 17.12
C ALA A 123 -38.86 3.24 16.10
N PRO A 124 -38.23 2.07 16.28
CA PRO A 124 -38.46 0.99 15.32
C PRO A 124 -39.95 0.66 15.37
N LYS A 125 -40.51 0.17 14.27
CA LYS A 125 -41.93 -0.17 14.23
C LYS A 125 -42.29 -1.09 15.40
N ALA A 126 -41.41 -2.03 15.71
CA ALA A 126 -41.65 -2.98 16.79
C ALA A 126 -41.69 -2.37 18.19
N TRP A 127 -41.17 -1.16 18.35
CA TRP A 127 -41.16 -0.51 19.68
C TRP A 127 -42.13 0.66 19.76
N ALA A 128 -42.89 0.86 18.69
CA ALA A 128 -43.84 1.97 18.63
C ALA A 128 -44.84 2.01 19.79
N ASN A 129 -45.35 0.84 20.17
CA ASN A 129 -46.34 0.79 21.25
C ASN A 129 -45.82 0.28 22.59
N LEU A 130 -44.56 0.59 22.90
CA LEU A 130 -43.98 0.16 24.17
C LEU A 130 -43.79 1.35 25.09
N ASN A 131 -44.00 1.13 26.39
CA ASN A 131 -43.80 2.18 27.38
C ASN A 131 -42.28 2.29 27.45
N PHE A 132 -41.78 3.40 27.98
CA PHE A 132 -40.34 3.61 28.05
C PHE A 132 -39.55 2.44 28.61
N GLU A 133 -39.98 1.86 29.73
CA GLU A 133 -39.27 0.75 30.34
C GLU A 133 -39.10 -0.44 29.42
N ASP A 134 -40.16 -0.79 28.69
CA ASP A 134 -40.08 -1.93 27.81
C ASP A 134 -39.24 -1.65 26.58
N LYS A 135 -39.23 -0.39 26.17
CA LYS A 135 -38.46 -0.01 25.02
C LYS A 135 -36.99 -0.07 25.39
N LYS A 136 -36.66 0.36 26.60
CA LYS A 136 -35.28 0.34 27.10
C LYS A 136 -34.81 -1.12 27.12
N THR A 137 -35.64 -2.02 27.64
CA THR A 137 -35.33 -3.44 27.71
C THR A 137 -35.14 -3.98 26.30
N ALA A 138 -36.01 -3.55 25.39
CA ALA A 138 -35.93 -3.98 24.01
C ALA A 138 -34.64 -3.50 23.37
N LEU A 139 -34.27 -2.24 23.62
CA LEU A 139 -33.05 -1.68 23.05
C LEU A 139 -31.85 -2.47 23.56
N TYR A 140 -31.81 -2.70 24.87
CA TYR A 140 -30.75 -3.47 25.49
C TYR A 140 -30.66 -4.86 24.85
N GLN A 141 -31.79 -5.55 24.83
CA GLN A 141 -31.90 -6.91 24.29
C GLN A 141 -31.46 -7.01 22.84
N TYR A 142 -31.92 -6.06 22.03
CA TYR A 142 -31.56 -6.02 20.62
C TYR A 142 -30.05 -5.88 20.43
N THR A 143 -29.47 -4.95 21.17
CA THR A 143 -28.04 -4.70 21.07
C THR A 143 -27.29 -5.97 21.48
N LYS A 144 -27.70 -6.53 22.61
CA LYS A 144 -27.08 -7.73 23.16
C LYS A 144 -27.12 -8.88 22.17
N GLN A 145 -28.29 -9.16 21.61
CA GLN A 145 -28.43 -10.26 20.65
C GLN A 145 -27.69 -10.01 19.35
N SER A 146 -27.76 -8.77 18.86
CA SER A 146 -27.07 -8.41 17.63
C SER A 146 -25.58 -8.65 17.79
N LEU A 147 -25.00 -8.16 18.88
CA LEU A 147 -23.57 -8.33 19.12
C LEU A 147 -23.18 -9.81 19.21
N LYS A 148 -23.96 -10.60 19.95
CA LYS A 148 -23.67 -12.02 20.10
C LYS A 148 -23.66 -12.69 18.73
N ALA A 149 -24.65 -12.38 17.91
CA ALA A 149 -24.72 -12.96 16.56
C ALA A 149 -23.45 -12.64 15.78
N MET A 150 -22.98 -11.39 15.90
CA MET A 150 -21.75 -11.00 15.20
C MET A 150 -20.55 -11.76 15.75
N LYS A 151 -20.50 -11.96 17.06
CA LYS A 151 -19.38 -12.68 17.65
C LYS A 151 -19.43 -14.12 17.16
N ALA A 152 -20.61 -14.71 17.15
CA ALA A 152 -20.78 -16.08 16.69
C ALA A 152 -20.28 -16.24 15.26
N ALA A 153 -20.36 -15.16 14.47
CA ALA A 153 -19.93 -15.19 13.09
C ALA A 153 -18.42 -15.02 12.95
N GLY A 154 -17.74 -14.81 14.07
CA GLY A 154 -16.30 -14.63 14.06
C GLY A 154 -15.84 -13.21 13.74
N ILE A 155 -16.76 -12.26 13.76
CA ILE A 155 -16.42 -10.86 13.45
C ILE A 155 -15.61 -10.18 14.55
N ASP A 156 -14.57 -9.46 14.16
CA ASP A 156 -13.71 -8.75 15.09
C ASP A 156 -14.31 -7.36 15.32
N ILE A 157 -15.08 -7.21 16.40
CA ILE A 157 -15.72 -5.94 16.71
C ILE A 157 -14.84 -5.05 17.59
N GLY A 158 -14.41 -3.91 17.05
CA GLY A 158 -13.58 -3.03 17.82
C GLY A 158 -14.31 -1.88 18.48
N MET A 159 -15.48 -1.53 17.96
CA MET A 159 -16.23 -0.40 18.52
C MET A 159 -17.72 -0.52 18.19
N VAL A 160 -18.54 0.07 19.04
CA VAL A 160 -19.99 0.08 18.82
C VAL A 160 -20.49 1.50 19.04
N GLN A 161 -21.35 1.95 18.14
CA GLN A 161 -21.92 3.27 18.24
C GLN A 161 -23.34 3.08 18.76
N VAL A 162 -23.67 3.69 19.90
CA VAL A 162 -24.99 3.58 20.48
C VAL A 162 -25.80 4.79 20.01
N GLY A 163 -26.39 4.67 18.83
CA GLY A 163 -27.15 5.75 18.25
C GLY A 163 -26.32 6.40 17.16
N ASN A 164 -26.98 7.18 16.30
CA ASN A 164 -26.31 7.86 15.19
C ASN A 164 -26.78 9.33 15.13
N GLU A 165 -25.84 10.25 15.34
CA GLU A 165 -26.15 11.69 15.32
C GLU A 165 -27.39 12.00 16.16
N THR A 166 -27.36 11.54 17.41
CA THR A 166 -28.47 11.73 18.35
C THR A 166 -28.42 13.13 18.99
N ASN A 167 -28.45 14.16 18.15
CA ASN A 167 -28.43 15.55 18.64
C ASN A 167 -29.69 15.93 19.40
N GLY A 168 -30.83 15.36 19.03
CA GLY A 168 -32.07 15.71 19.71
C GLY A 168 -33.03 14.57 20.02
N GLY A 169 -32.58 13.34 19.87
CA GLY A 169 -33.46 12.22 20.17
C GLY A 169 -32.84 10.87 19.94
N LEU A 170 -33.57 9.84 20.35
CA LEU A 170 -33.13 8.46 20.21
C LEU A 170 -34.31 7.52 20.39
N ALA A 171 -34.54 6.68 19.40
CA ALA A 171 -35.60 5.69 19.43
C ALA A 171 -36.96 6.26 19.87
N GLY A 172 -37.30 7.42 19.32
CA GLY A 172 -38.57 8.04 19.64
C GLY A 172 -38.59 8.89 20.89
N GLU A 173 -37.49 8.96 21.61
CA GLU A 173 -37.41 9.73 22.83
C GLU A 173 -36.65 11.05 22.59
N THR A 174 -37.09 12.14 23.21
CA THR A 174 -36.43 13.43 23.03
C THR A 174 -35.99 14.06 24.34
N ASP A 175 -36.38 13.47 25.48
CA ASP A 175 -35.98 13.96 26.78
C ASP A 175 -34.61 13.38 27.08
N TRP A 176 -33.62 14.23 27.33
CA TRP A 176 -32.27 13.78 27.61
C TRP A 176 -32.11 12.82 28.78
N ALA A 177 -33.01 12.90 29.75
CA ALA A 177 -32.95 12.00 30.89
C ALA A 177 -33.28 10.60 30.39
N LYS A 178 -34.27 10.50 29.50
CA LYS A 178 -34.65 9.20 28.94
C LYS A 178 -33.64 8.74 27.89
N MET A 179 -33.08 9.70 27.15
CA MET A 179 -32.08 9.39 26.14
C MET A 179 -30.86 8.76 26.81
N SER A 180 -30.44 9.33 27.94
CA SER A 180 -29.28 8.82 28.67
C SER A 180 -29.50 7.39 29.16
N GLN A 181 -30.72 7.08 29.59
CA GLN A 181 -31.02 5.72 30.04
C GLN A 181 -30.93 4.76 28.86
N LEU A 182 -31.31 5.24 27.68
CA LEU A 182 -31.23 4.41 26.48
C LEU A 182 -29.77 4.25 26.11
N PHE A 183 -29.01 5.35 26.19
CA PHE A 183 -27.58 5.28 25.91
C PHE A 183 -26.98 4.22 26.85
N ASN A 184 -27.32 4.30 28.13
CA ASN A 184 -26.81 3.33 29.09
C ASN A 184 -27.29 1.90 28.82
N ALA A 185 -28.55 1.75 28.42
CA ALA A 185 -29.07 0.42 28.12
C ALA A 185 -28.22 -0.19 27.03
N GLY A 186 -28.00 0.57 25.96
CA GLY A 186 -27.17 0.08 24.87
C GLY A 186 -25.74 -0.20 25.32
N SER A 187 -25.16 0.75 26.04
CA SER A 187 -23.78 0.60 26.55
C SER A 187 -23.68 -0.69 27.35
N GLN A 188 -24.69 -0.94 28.17
CA GLN A 188 -24.76 -2.15 29.01
C GLN A 188 -24.46 -3.40 28.19
N ALA A 189 -25.24 -3.59 27.15
CA ALA A 189 -25.10 -4.74 26.28
C ALA A 189 -23.68 -4.87 25.72
N VAL A 190 -23.07 -3.76 25.34
CA VAL A 190 -21.71 -3.79 24.79
C VAL A 190 -20.75 -4.29 25.87
N ARG A 191 -20.85 -3.68 27.05
CA ARG A 191 -20.02 -4.01 28.21
C ARG A 191 -20.14 -5.50 28.55
N GLU A 192 -21.36 -6.01 28.54
CA GLU A 192 -21.60 -7.41 28.83
C GLU A 192 -21.08 -8.33 27.74
N THR A 193 -20.95 -7.79 26.53
CA THR A 193 -20.47 -8.58 25.39
C THR A 193 -18.95 -8.75 25.35
N ASP A 194 -18.23 -7.65 25.51
CA ASP A 194 -16.77 -7.67 25.47
C ASP A 194 -16.29 -6.34 26.06
N SER A 195 -15.57 -6.40 27.17
CA SER A 195 -15.09 -5.20 27.83
C SER A 195 -14.05 -4.42 27.03
N ASN A 196 -13.55 -5.01 25.95
CA ASN A 196 -12.54 -4.36 25.12
C ASN A 196 -13.15 -3.50 24.01
N ILE A 197 -14.44 -3.69 23.73
CA ILE A 197 -15.11 -2.92 22.69
C ILE A 197 -15.32 -1.50 23.18
N LEU A 198 -14.93 -0.54 22.35
CA LEU A 198 -15.12 0.85 22.73
C LEU A 198 -16.57 1.26 22.50
N VAL A 199 -17.13 2.02 23.44
CA VAL A 199 -18.50 2.47 23.30
C VAL A 199 -18.47 3.94 22.85
N ALA A 200 -19.10 4.22 21.71
CA ALA A 200 -19.11 5.57 21.20
C ALA A 200 -20.50 6.16 21.09
N LEU A 201 -20.60 7.47 21.33
CA LEU A 201 -21.84 8.21 21.18
C LEU A 201 -21.52 9.13 20.01
N HIS A 202 -22.49 9.34 19.14
CA HIS A 202 -22.29 10.13 17.92
C HIS A 202 -23.19 11.34 17.78
N PHE A 203 -22.56 12.52 17.67
CA PHE A 203 -23.29 13.76 17.51
C PHE A 203 -22.77 14.52 16.29
N THR A 204 -23.46 15.60 15.94
CA THR A 204 -23.05 16.39 14.78
C THR A 204 -23.27 17.90 14.97
N ASN A 205 -22.93 18.67 13.95
CA ASN A 205 -23.02 20.14 13.98
C ASN A 205 -22.09 20.67 15.07
N PRO A 206 -20.79 20.35 14.95
CA PRO A 206 -19.78 20.78 15.92
C PRO A 206 -19.62 22.30 15.91
N GLU A 207 -20.01 22.91 14.79
CA GLU A 207 -19.90 24.36 14.65
C GLU A 207 -20.90 25.16 15.48
N THR A 208 -21.93 24.50 16.01
CA THR A 208 -22.91 25.20 16.84
C THR A 208 -22.27 25.62 18.15
N SER A 209 -22.36 26.92 18.44
CA SER A 209 -21.77 27.49 19.65
C SER A 209 -22.23 26.85 20.96
N GLY A 210 -21.29 26.21 21.65
CA GLY A 210 -21.57 25.57 22.93
C GLY A 210 -22.23 24.20 22.92
N ARG A 211 -22.68 23.74 21.75
CA ARG A 211 -23.36 22.46 21.62
C ARG A 211 -22.65 21.29 22.28
N TYR A 212 -21.52 20.90 21.72
CA TYR A 212 -20.76 19.79 22.25
C TYR A 212 -20.45 19.91 23.73
N ALA A 213 -20.19 21.14 24.19
CA ALA A 213 -19.89 21.35 25.61
C ALA A 213 -21.14 21.01 26.44
N TRP A 214 -22.31 21.42 25.96
CA TRP A 214 -23.55 21.16 26.67
C TRP A 214 -23.87 19.67 26.69
N ILE A 215 -23.68 19.00 25.56
CA ILE A 215 -23.98 17.58 25.45
C ILE A 215 -23.08 16.75 26.35
N ALA A 216 -21.78 17.06 26.34
CA ALA A 216 -20.83 16.31 27.16
C ALA A 216 -21.16 16.44 28.64
N GLU A 217 -21.53 17.65 29.07
CA GLU A 217 -21.87 17.93 30.46
C GLU A 217 -23.16 17.21 30.86
N THR A 218 -24.12 17.18 29.95
CA THR A 218 -25.39 16.52 30.19
C THR A 218 -25.15 15.00 30.34
N LEU A 219 -24.34 14.45 29.46
CA LEU A 219 -24.04 13.03 29.52
C LEU A 219 -23.39 12.72 30.86
N HIS A 220 -22.54 13.63 31.32
CA HIS A 220 -21.86 13.46 32.59
C HIS A 220 -22.84 13.47 33.77
N ARG A 221 -23.74 14.45 33.78
CA ARG A 221 -24.72 14.60 34.85
C ARG A 221 -25.65 13.38 34.94
N HIS A 222 -25.87 12.73 33.78
CA HIS A 222 -26.72 11.54 33.75
C HIS A 222 -25.97 10.23 33.80
N HIS A 223 -24.71 10.29 34.22
CA HIS A 223 -23.93 9.07 34.39
C HIS A 223 -23.93 8.17 33.16
N VAL A 224 -23.79 8.75 31.98
CA VAL A 224 -23.79 7.93 30.79
C VAL A 224 -22.41 7.29 30.62
N ASP A 225 -22.38 5.96 30.57
CA ASP A 225 -21.14 5.23 30.42
C ASP A 225 -20.74 5.01 28.96
N TYR A 226 -19.79 5.81 28.49
CA TYR A 226 -19.30 5.70 27.11
C TYR A 226 -17.80 6.06 27.05
N ASP A 227 -17.12 5.58 26.01
CA ASP A 227 -15.68 5.83 25.85
C ASP A 227 -15.30 6.90 24.81
N VAL A 228 -16.03 6.94 23.70
CA VAL A 228 -15.72 7.87 22.63
C VAL A 228 -16.81 8.87 22.32
N PHE A 229 -16.43 10.15 22.25
CA PHE A 229 -17.37 11.20 21.90
C PHE A 229 -17.10 11.42 20.41
N ALA A 230 -17.95 10.84 19.57
CA ALA A 230 -17.76 10.95 18.13
C ALA A 230 -18.56 12.07 17.50
N SER A 231 -17.99 12.64 16.44
CA SER A 231 -18.62 13.72 15.73
C SER A 231 -18.57 13.51 14.22
N SER A 232 -19.59 14.01 13.52
CA SER A 232 -19.59 13.95 12.06
C SER A 232 -18.83 15.22 11.67
N TYR A 233 -18.29 15.26 10.47
CA TYR A 233 -17.62 16.46 10.02
C TYR A 233 -17.62 16.58 8.52
N TYR A 234 -18.59 17.34 8.03
CA TYR A 234 -18.74 17.58 6.61
C TYR A 234 -18.38 19.05 6.43
N PRO A 235 -17.18 19.33 5.88
CA PRO A 235 -16.70 20.69 5.66
C PRO A 235 -17.70 21.65 5.02
N PHE A 236 -18.66 21.10 4.28
CA PHE A 236 -19.66 21.91 3.61
C PHE A 236 -20.46 22.77 4.58
N TRP A 237 -20.82 22.22 5.73
CA TRP A 237 -21.64 22.96 6.69
C TRP A 237 -21.14 23.01 8.13
N HIS A 238 -20.20 22.13 8.48
CA HIS A 238 -19.77 22.06 9.86
C HIS A 238 -18.65 22.92 10.41
N GLY A 239 -18.42 24.08 9.79
CA GLY A 239 -17.41 24.98 10.30
C GLY A 239 -15.96 24.66 9.99
N THR A 240 -15.06 25.36 10.67
CA THR A 240 -13.63 25.21 10.46
C THR A 240 -13.01 24.01 11.18
N LEU A 241 -11.89 23.54 10.66
CA LEU A 241 -11.15 22.42 11.23
C LEU A 241 -10.62 22.85 12.61
N LYS A 242 -10.23 24.11 12.70
CA LYS A 242 -9.72 24.68 13.95
C LYS A 242 -10.78 24.53 15.03
N ASN A 243 -12.03 24.87 14.70
CA ASN A 243 -13.13 24.75 15.65
C ASN A 243 -13.35 23.28 16.04
N LEU A 244 -13.35 22.41 15.02
CA LEU A 244 -13.55 20.99 15.28
C LEU A 244 -12.55 20.53 16.34
N THR A 245 -11.28 20.84 16.12
CA THR A 245 -10.23 20.44 17.06
C THR A 245 -10.51 21.02 18.44
N SER A 246 -10.88 22.30 18.47
CA SER A 246 -11.19 22.99 19.72
C SER A 246 -12.33 22.32 20.52
N VAL A 247 -13.49 22.13 19.90
CA VAL A 247 -14.61 21.51 20.62
C VAL A 247 -14.36 20.05 21.02
N LEU A 248 -13.63 19.29 20.20
CA LEU A 248 -13.35 17.90 20.56
C LEU A 248 -12.28 17.86 21.65
N THR A 249 -11.35 18.82 21.62
CA THR A 249 -10.29 18.85 22.63
C THR A 249 -10.88 19.20 24.00
N SER A 250 -11.85 20.09 24.01
CA SER A 250 -12.49 20.48 25.26
C SER A 250 -13.21 19.30 25.88
N VAL A 251 -13.89 18.50 25.07
CA VAL A 251 -14.59 17.33 25.59
C VAL A 251 -13.57 16.33 26.14
N ALA A 252 -12.53 16.06 25.36
CA ALA A 252 -11.48 15.14 25.79
C ALA A 252 -10.88 15.55 27.12
N ASP A 253 -10.36 16.78 27.18
CA ASP A 253 -9.76 17.32 28.39
C ASP A 253 -10.70 17.35 29.59
N THR A 254 -11.90 17.89 29.40
CA THR A 254 -12.87 18.00 30.48
C THR A 254 -13.48 16.70 31.00
N TYR A 255 -13.77 15.75 30.12
CA TYR A 255 -14.39 14.51 30.56
C TYR A 255 -13.54 13.25 30.40
N GLY A 256 -12.30 13.42 29.97
CA GLY A 256 -11.41 12.28 29.81
C GLY A 256 -11.93 11.24 28.83
N LYS A 257 -12.48 11.70 27.70
CA LYS A 257 -12.99 10.78 26.69
C LYS A 257 -12.10 10.78 25.47
N LYS A 258 -12.16 9.71 24.69
CA LYS A 258 -11.41 9.67 23.44
C LYS A 258 -12.37 10.38 22.51
N VAL A 259 -11.87 10.91 21.39
CA VAL A 259 -12.72 11.60 20.43
C VAL A 259 -12.34 11.15 19.03
N MET A 260 -13.26 11.32 18.08
CA MET A 260 -12.99 10.92 16.70
C MET A 260 -14.06 11.47 15.77
N VAL A 261 -13.78 11.38 14.47
CA VAL A 261 -14.73 11.79 13.46
C VAL A 261 -15.34 10.49 12.90
N ALA A 262 -16.62 10.29 13.17
CA ALA A 262 -17.33 9.09 12.73
C ALA A 262 -17.78 9.15 11.27
N GLU A 263 -17.81 10.35 10.71
CA GLU A 263 -18.23 10.53 9.32
C GLU A 263 -17.62 11.79 8.73
N THR A 264 -17.10 11.67 7.52
CA THR A 264 -16.55 12.80 6.82
C THR A 264 -16.43 12.42 5.35
N SER A 265 -16.37 13.43 4.47
CA SER A 265 -16.24 13.18 3.04
C SER A 265 -16.02 14.48 2.28
N TYR A 266 -15.79 14.37 0.98
CA TYR A 266 -15.62 15.55 0.15
C TYR A 266 -15.86 15.17 -1.30
N THR A 267 -16.22 16.17 -2.09
CA THR A 267 -16.52 16.00 -3.51
C THR A 267 -15.27 16.04 -4.38
N TYR A 268 -15.09 15.02 -5.23
CA TYR A 268 -13.95 14.97 -6.13
C TYR A 268 -14.39 15.45 -7.51
N THR A 269 -15.69 15.63 -7.69
CA THR A 269 -16.24 16.08 -8.96
C THR A 269 -17.59 16.71 -8.72
N ALA A 270 -17.99 17.63 -9.59
CA ALA A 270 -19.28 18.30 -9.47
C ALA A 270 -20.34 17.51 -10.20
N GLU A 271 -19.91 16.56 -11.02
CA GLU A 271 -20.83 15.74 -11.80
C GLU A 271 -21.65 14.73 -11.00
N ASP A 272 -22.91 14.55 -11.40
CA ASP A 272 -23.78 13.58 -10.77
C ASP A 272 -23.74 12.34 -11.66
N GLY A 273 -23.19 11.25 -11.13
CA GLY A 273 -23.04 10.04 -11.91
C GLY A 273 -24.21 9.10 -12.11
N ASP A 274 -25.31 9.26 -11.37
CA ASP A 274 -26.42 8.33 -11.56
C ASP A 274 -27.79 8.92 -11.86
N GLY A 275 -27.86 10.25 -11.94
CA GLY A 275 -29.14 10.89 -12.25
C GLY A 275 -29.93 11.37 -11.07
N HIS A 276 -29.52 10.98 -9.86
CA HIS A 276 -30.16 11.42 -8.62
C HIS A 276 -29.37 12.56 -8.01
N GLY A 277 -29.92 13.77 -8.02
CA GLY A 277 -29.24 14.93 -7.46
C GLY A 277 -28.38 14.62 -6.24
N ASN A 278 -27.16 15.15 -6.23
CA ASN A 278 -26.23 14.91 -5.14
C ASN A 278 -26.33 15.94 -4.03
N THR A 279 -25.83 15.55 -2.87
CA THR A 279 -25.83 16.41 -1.69
C THR A 279 -24.91 17.60 -1.88
N ALA A 280 -23.78 17.37 -2.54
CA ALA A 280 -22.81 18.43 -2.78
C ALA A 280 -22.12 18.22 -4.13
N PRO A 281 -21.52 19.28 -4.68
CA PRO A 281 -21.47 20.65 -4.13
C PRO A 281 -22.73 21.43 -4.47
N LYS A 282 -23.06 22.41 -3.63
CA LYS A 282 -24.24 23.23 -3.84
C LYS A 282 -24.00 24.68 -3.43
N ASN A 283 -24.76 25.59 -4.04
CA ASN A 283 -24.67 27.02 -3.76
C ASN A 283 -24.91 27.28 -2.28
N GLY A 284 -24.00 28.01 -1.65
CA GLY A 284 -24.15 28.26 -0.23
C GLY A 284 -23.17 27.49 0.62
N GLN A 285 -22.92 26.24 0.25
CA GLN A 285 -21.99 25.38 0.98
C GLN A 285 -20.58 25.93 0.95
N THR A 286 -19.82 25.65 1.99
CA THR A 286 -18.43 26.09 2.07
C THR A 286 -17.53 25.07 1.39
N LEU A 287 -16.71 25.53 0.44
CA LEU A 287 -15.81 24.65 -0.27
C LEU A 287 -14.39 25.22 -0.26
N ASN A 288 -13.65 24.91 0.81
CA ASN A 288 -12.28 25.41 0.96
C ASN A 288 -11.28 24.70 0.07
N ASN A 289 -11.69 23.60 -0.54
CA ASN A 289 -10.80 22.86 -1.42
C ASN A 289 -11.43 22.72 -2.78
N PRO A 290 -10.59 22.69 -3.82
CA PRO A 290 -11.14 22.54 -5.18
C PRO A 290 -11.91 21.23 -5.28
N VAL A 291 -12.93 21.22 -6.11
CA VAL A 291 -13.74 20.01 -6.29
C VAL A 291 -13.01 19.14 -7.29
N THR A 292 -11.97 18.48 -6.82
CA THR A 292 -11.14 17.61 -7.65
C THR A 292 -10.64 16.46 -6.79
N VAL A 293 -9.96 15.51 -7.43
CA VAL A 293 -9.41 14.37 -6.71
C VAL A 293 -8.38 14.89 -5.68
N GLN A 294 -7.62 15.92 -6.05
CA GLN A 294 -6.61 16.53 -5.19
C GLN A 294 -7.24 17.30 -4.02
N GLY A 295 -8.35 17.95 -4.30
CA GLY A 295 -9.03 18.70 -3.27
C GLY A 295 -9.64 17.74 -2.26
N GLN A 296 -10.20 16.65 -2.76
CA GLN A 296 -10.81 15.65 -1.90
C GLN A 296 -9.74 15.10 -0.95
N ALA A 297 -8.58 14.79 -1.51
CA ALA A 297 -7.46 14.25 -0.72
C ALA A 297 -7.00 15.27 0.33
N ASN A 298 -6.91 16.54 -0.03
CA ASN A 298 -6.49 17.55 0.93
C ASN A 298 -7.49 17.58 2.09
N ALA A 299 -8.76 17.52 1.74
CA ALA A 299 -9.84 17.55 2.74
C ALA A 299 -9.74 16.42 3.74
N VAL A 300 -9.51 15.19 3.24
CA VAL A 300 -9.42 14.04 4.11
C VAL A 300 -8.18 14.16 4.98
N ARG A 301 -7.07 14.52 4.35
CA ARG A 301 -5.81 14.66 5.06
C ARG A 301 -5.94 15.71 6.16
N ASP A 302 -6.65 16.81 5.87
CA ASP A 302 -6.83 17.88 6.84
C ASP A 302 -7.66 17.50 8.07
N VAL A 303 -8.75 16.77 7.88
CA VAL A 303 -9.55 16.38 9.04
C VAL A 303 -8.76 15.38 9.89
N ILE A 304 -7.92 14.55 9.24
CA ILE A 304 -7.10 13.59 9.97
C ILE A 304 -6.11 14.39 10.83
N GLN A 305 -5.60 15.47 10.26
CA GLN A 305 -4.67 16.35 10.96
C GLN A 305 -5.39 17.00 12.16
N ALA A 306 -6.59 17.52 11.91
CA ALA A 306 -7.38 18.18 12.94
C ALA A 306 -7.72 17.26 14.13
N VAL A 307 -8.01 15.99 13.85
CA VAL A 307 -8.34 15.06 14.92
C VAL A 307 -7.04 14.71 15.62
N SER A 308 -5.99 14.52 14.85
CA SER A 308 -4.69 14.17 15.41
C SER A 308 -4.21 15.29 16.33
N ASP A 309 -4.56 16.53 15.98
CA ASP A 309 -4.16 17.69 16.77
C ASP A 309 -4.78 17.71 18.15
N VAL A 310 -5.80 16.89 18.38
CA VAL A 310 -6.44 16.84 19.68
C VAL A 310 -5.45 16.27 20.69
N GLY A 311 -4.53 15.45 20.20
CA GLY A 311 -3.56 14.85 21.08
C GLY A 311 -3.86 13.39 21.30
N GLU A 312 -3.52 12.91 22.49
CA GLU A 312 -3.71 11.51 22.86
C GLU A 312 -5.15 11.01 22.73
N ALA A 313 -6.12 11.92 22.83
CA ALA A 313 -7.54 11.58 22.75
C ALA A 313 -8.08 11.38 21.33
N GLY A 314 -7.46 12.02 20.34
CA GLY A 314 -7.92 11.88 18.98
C GLY A 314 -7.52 10.50 18.45
N ILE A 315 -8.48 9.59 18.34
CA ILE A 315 -8.17 8.24 17.90
C ILE A 315 -8.40 7.90 16.44
N GLY A 316 -9.16 8.71 15.72
CA GLY A 316 -9.37 8.36 14.32
C GLY A 316 -10.39 9.11 13.50
N VAL A 317 -10.51 8.70 12.24
CA VAL A 317 -11.42 9.30 11.28
C VAL A 317 -12.02 8.24 10.38
N PHE A 318 -13.34 8.25 10.23
CA PHE A 318 -14.03 7.32 9.34
C PHE A 318 -14.59 8.10 8.15
N TYR A 319 -14.25 7.68 6.94
CA TYR A 319 -14.77 8.34 5.76
C TYR A 319 -16.16 7.72 5.51
N TRP A 320 -17.17 8.55 5.32
CA TRP A 320 -18.51 8.01 5.11
C TRP A 320 -18.85 7.71 3.64
N GLU A 321 -19.15 6.44 3.35
CA GLU A 321 -19.53 6.00 2.01
C GLU A 321 -18.59 6.41 0.88
N PRO A 322 -17.38 5.82 0.83
CA PRO A 322 -16.39 6.12 -0.20
C PRO A 322 -16.61 5.31 -1.47
N ALA A 323 -17.73 4.57 -1.52
CA ALA A 323 -18.02 3.72 -2.67
C ALA A 323 -19.48 3.58 -3.02
N TRP A 324 -20.27 4.64 -2.79
CA TRP A 324 -21.69 4.59 -3.11
C TRP A 324 -21.82 5.10 -4.55
N ILE A 325 -21.19 4.38 -5.47
CA ILE A 325 -21.20 4.76 -6.86
C ILE A 325 -22.49 4.39 -7.58
N PRO A 326 -22.71 4.97 -8.76
CA PRO A 326 -23.93 4.71 -9.56
C PRO A 326 -24.13 3.27 -10.03
N VAL A 327 -25.39 2.86 -10.09
CA VAL A 327 -25.74 1.53 -10.58
C VAL A 327 -25.81 1.63 -12.10
N GLY A 328 -25.79 2.86 -12.60
CA GLY A 328 -25.86 3.10 -14.03
C GLY A 328 -25.67 4.58 -14.34
N PRO A 329 -25.44 4.94 -15.61
CA PRO A 329 -25.24 6.32 -16.08
C PRO A 329 -26.45 7.23 -15.84
N ALA A 330 -26.17 8.52 -15.68
CA ALA A 330 -27.22 9.50 -15.43
C ALA A 330 -28.31 9.49 -16.50
N HIS A 331 -27.95 9.25 -17.76
CA HIS A 331 -28.95 9.25 -18.82
C HIS A 331 -29.87 8.03 -18.77
N ARG A 332 -29.49 7.01 -18.00
CA ARG A 332 -30.32 5.80 -17.87
C ARG A 332 -31.17 5.89 -16.60
N LEU A 333 -31.48 7.12 -16.18
CA LEU A 333 -32.27 7.37 -14.99
C LEU A 333 -33.38 6.36 -14.73
N GLU A 334 -34.30 6.20 -15.68
CA GLU A 334 -35.42 5.28 -15.49
C GLU A 334 -35.04 3.83 -15.26
N LYS A 335 -33.96 3.36 -15.88
CA LYS A 335 -33.56 1.98 -15.67
C LYS A 335 -32.86 1.90 -14.30
N ASN A 336 -32.25 3.01 -13.88
CA ASN A 336 -31.58 3.06 -12.58
C ASN A 336 -32.61 2.91 -11.46
N LYS A 337 -33.73 3.62 -11.60
CA LYS A 337 -34.80 3.57 -10.62
C LYS A 337 -35.26 2.13 -10.38
N ALA A 338 -35.20 1.32 -11.43
CA ALA A 338 -35.62 -0.08 -11.32
C ALA A 338 -34.70 -0.79 -10.33
N LEU A 339 -33.41 -0.53 -10.45
CA LEU A 339 -32.42 -1.14 -9.57
C LEU A 339 -32.54 -0.61 -8.14
N TRP A 340 -32.69 0.71 -8.01
CA TRP A 340 -32.82 1.34 -6.69
C TRP A 340 -34.00 0.77 -5.95
N GLU A 341 -35.12 0.70 -6.67
CA GLU A 341 -36.39 0.21 -6.14
C GLU A 341 -36.36 -1.28 -5.78
N THR A 342 -35.67 -2.07 -6.58
CA THR A 342 -35.60 -3.50 -6.34
C THR A 342 -34.57 -3.94 -5.31
N TYR A 343 -33.35 -3.42 -5.43
CA TYR A 343 -32.27 -3.80 -4.51
C TYR A 343 -31.97 -2.80 -3.41
N GLY A 344 -32.67 -1.67 -3.42
CA GLY A 344 -32.45 -0.66 -2.40
C GLY A 344 -31.01 -0.15 -2.42
N SER A 345 -30.42 -0.07 -3.62
CA SER A 345 -29.04 0.40 -3.75
C SER A 345 -28.98 1.92 -3.86
N GLY A 346 -30.13 2.56 -3.66
CA GLY A 346 -30.22 4.01 -3.68
C GLY A 346 -30.32 4.44 -2.24
N TRP A 347 -30.41 5.74 -1.95
CA TRP A 347 -30.55 6.16 -0.55
C TRP A 347 -31.89 5.78 0.10
N ALA A 348 -32.93 5.55 -0.70
CA ALA A 348 -34.25 5.18 -0.17
C ALA A 348 -35.14 4.75 -1.33
N THR A 349 -36.13 3.90 -1.03
CA THR A 349 -37.05 3.38 -2.02
C THR A 349 -38.39 3.98 -1.67
N SER A 350 -39.33 3.91 -2.60
CA SER A 350 -40.65 4.44 -2.36
C SER A 350 -41.33 3.70 -1.21
N TYR A 351 -40.89 2.47 -0.98
CA TYR A 351 -41.44 1.63 0.07
C TYR A 351 -41.20 2.18 1.48
N ALA A 352 -40.34 3.20 1.59
CA ALA A 352 -40.04 3.79 2.89
C ALA A 352 -41.02 4.89 3.27
N ALA A 353 -41.89 5.27 2.33
CA ALA A 353 -42.87 6.33 2.56
C ALA A 353 -43.74 6.10 3.80
N GLU A 354 -44.03 4.84 4.11
CA GLU A 354 -44.85 4.51 5.27
C GLU A 354 -44.16 4.92 6.57
N TYR A 355 -42.85 4.71 6.62
CA TYR A 355 -42.07 5.02 7.82
C TYR A 355 -41.66 6.48 7.88
N ASP A 356 -41.24 7.03 6.74
CA ASP A 356 -40.81 8.43 6.68
C ASP A 356 -41.42 9.10 5.45
N PRO A 357 -42.69 9.49 5.55
CA PRO A 357 -43.41 10.15 4.45
C PRO A 357 -42.92 11.56 4.17
N GLU A 358 -42.47 12.25 5.20
CA GLU A 358 -41.99 13.62 5.08
C GLU A 358 -40.71 13.82 4.28
N ASP A 359 -39.75 12.91 4.44
CA ASP A 359 -38.48 13.04 3.74
C ASP A 359 -38.29 11.97 2.65
N ALA A 360 -38.02 10.74 3.06
CA ALA A 360 -37.82 9.65 2.11
C ALA A 360 -39.05 9.51 1.20
N GLY A 361 -40.23 9.74 1.77
CA GLY A 361 -41.46 9.62 1.02
C GLY A 361 -41.54 10.39 -0.28
N LYS A 362 -40.89 11.55 -0.35
CA LYS A 362 -40.93 12.32 -1.58
C LYS A 362 -39.58 12.56 -2.28
N TRP A 363 -38.48 12.17 -1.65
CA TRP A 363 -37.18 12.36 -2.28
C TRP A 363 -36.45 11.05 -2.50
N PHE A 364 -37.14 9.92 -2.37
CA PHE A 364 -36.52 8.61 -2.54
C PHE A 364 -35.90 8.48 -3.93
N GLY A 365 -34.80 7.73 -4.02
CA GLY A 365 -34.13 7.57 -5.30
C GLY A 365 -32.78 6.89 -5.24
N GLY A 366 -31.82 7.42 -5.99
CA GLY A 366 -30.49 6.84 -6.04
C GLY A 366 -29.50 7.39 -5.03
N SER A 367 -28.23 7.35 -5.40
CA SER A 367 -27.14 7.82 -4.55
C SER A 367 -27.03 9.34 -4.59
N ALA A 368 -26.85 9.93 -3.41
CA ALA A 368 -26.72 11.37 -3.31
C ALA A 368 -25.25 11.72 -3.08
N VAL A 369 -24.40 10.71 -3.04
CA VAL A 369 -22.99 10.94 -2.79
C VAL A 369 -22.02 10.24 -3.74
N ASP A 370 -22.48 9.85 -4.92
CA ASP A 370 -21.58 9.18 -5.87
C ASP A 370 -20.35 10.02 -6.21
N ASN A 371 -20.49 11.34 -6.11
CA ASN A 371 -19.37 12.24 -6.42
C ASN A 371 -18.44 12.51 -5.22
N GLN A 372 -18.66 11.80 -4.11
CA GLN A 372 -17.81 11.94 -2.96
C GLN A 372 -17.18 10.59 -2.62
N ALA A 373 -17.23 9.70 -3.60
CA ALA A 373 -16.64 8.39 -3.45
C ALA A 373 -15.13 8.47 -3.67
N LEU A 374 -14.41 7.41 -3.30
CA LEU A 374 -12.96 7.37 -3.52
C LEU A 374 -12.67 6.45 -4.69
N PHE A 375 -13.73 6.11 -5.41
CA PHE A 375 -13.68 5.28 -6.62
C PHE A 375 -14.41 6.09 -7.69
N ASP A 376 -14.10 5.89 -8.97
CA ASP A 376 -14.79 6.64 -10.01
C ASP A 376 -16.16 6.01 -10.26
N PHE A 377 -16.95 6.59 -11.16
CA PHE A 377 -18.28 6.06 -11.44
C PHE A 377 -18.30 4.62 -11.93
N LYS A 378 -17.14 4.09 -12.33
CA LYS A 378 -17.05 2.72 -12.85
C LYS A 378 -16.40 1.72 -11.89
N GLY A 379 -16.17 2.14 -10.65
CA GLY A 379 -15.58 1.24 -9.67
C GLY A 379 -14.07 1.19 -9.66
N ARG A 380 -13.42 2.11 -10.36
CA ARG A 380 -11.96 2.14 -10.36
C ARG A 380 -11.51 3.05 -9.21
N PRO A 381 -10.52 2.61 -8.43
CA PRO A 381 -10.07 3.45 -7.31
C PRO A 381 -9.41 4.75 -7.78
N LEU A 382 -9.82 5.86 -7.18
CA LEU A 382 -9.25 7.16 -7.52
C LEU A 382 -7.92 7.29 -6.80
N PRO A 383 -7.04 8.17 -7.27
CA PRO A 383 -5.75 8.34 -6.59
C PRO A 383 -5.89 8.84 -5.16
N SER A 384 -6.99 9.53 -4.87
CA SER A 384 -7.23 10.05 -3.53
C SER A 384 -7.40 8.92 -2.51
N LEU A 385 -7.70 7.72 -2.99
CA LEU A 385 -7.84 6.58 -2.09
C LEU A 385 -6.56 6.38 -1.29
N HIS A 386 -5.42 6.77 -1.85
CA HIS A 386 -4.18 6.59 -1.13
C HIS A 386 -3.77 7.65 -0.10
N VAL A 387 -4.76 8.45 0.27
CA VAL A 387 -4.53 9.45 1.30
C VAL A 387 -4.32 8.73 2.63
N PHE A 388 -5.02 7.61 2.83
CA PHE A 388 -4.90 6.84 4.05
C PHE A 388 -3.46 6.40 4.30
N GLN A 389 -2.71 6.09 3.23
CA GLN A 389 -1.32 5.68 3.38
C GLN A 389 -0.38 6.89 3.50
N TYR A 390 -0.51 7.83 2.57
CA TYR A 390 0.33 9.00 2.56
C TYR A 390 0.26 9.97 3.74
N VAL A 391 -0.75 9.87 4.59
CA VAL A 391 -0.79 10.78 5.74
C VAL A 391 0.36 10.47 6.71
N ASP A 392 0.82 9.22 6.71
CA ASP A 392 1.90 8.78 7.59
C ASP A 392 3.26 9.30 7.14
N THR A 393 3.50 9.28 5.82
CA THR A 393 4.78 9.66 5.27
C THR A 393 4.77 10.90 4.41
N GLY A 394 3.67 11.13 3.74
CA GLY A 394 3.57 12.26 2.84
C GLY A 394 3.87 11.69 1.46
N THR A 395 3.63 12.49 0.43
CA THR A 395 3.89 12.06 -0.93
C THR A 395 5.33 12.40 -1.28
N PRO A 396 6.07 11.43 -1.85
CA PRO A 396 7.48 11.61 -2.24
C PRO A 396 7.68 12.87 -3.09
N PHE A 397 6.88 13.07 -4.04
N GLY B 11 16.08 -32.13 -0.69
CA GLY B 11 17.37 -32.86 -0.57
C GLY B 11 18.51 -32.09 -1.21
N LEU B 12 18.87 -30.95 -0.61
CA LEU B 12 19.95 -30.11 -1.12
C LEU B 12 21.23 -30.28 -0.32
N TYR B 13 22.35 -30.41 -1.03
CA TYR B 13 23.65 -30.52 -0.38
C TYR B 13 24.38 -29.21 -0.59
N VAL B 14 25.16 -28.83 0.41
CA VAL B 14 25.92 -27.60 0.37
C VAL B 14 27.10 -27.76 1.32
N GLU B 15 28.30 -27.59 0.79
CA GLU B 15 29.50 -27.72 1.60
C GLU B 15 29.68 -26.41 2.37
N LYS B 16 29.87 -26.54 3.68
CA LYS B 16 30.07 -25.38 4.55
C LYS B 16 31.15 -24.45 4.00
N VAL B 17 30.92 -23.14 4.07
CA VAL B 17 31.88 -22.19 3.58
C VAL B 17 32.86 -21.91 4.70
N SER B 18 34.12 -22.30 4.52
CA SER B 18 35.12 -22.11 5.56
C SER B 18 35.51 -20.64 5.73
N GLY B 19 35.46 -20.19 6.98
CA GLY B 19 35.84 -18.82 7.29
C GLY B 19 34.74 -17.78 7.11
N LEU B 20 33.53 -18.23 6.77
CA LEU B 20 32.41 -17.30 6.58
C LEU B 20 32.06 -16.55 7.86
N ARG B 21 31.94 -15.23 7.78
CA ARG B 21 31.60 -14.38 8.93
C ARG B 21 30.11 -14.43 9.28
N LYS B 22 29.80 -14.33 10.57
CA LYS B 22 28.42 -14.39 11.06
C LYS B 22 27.52 -13.29 10.49
N ASP B 23 28.10 -12.13 10.23
CA ASP B 23 27.32 -11.02 9.72
C ASP B 23 27.43 -10.81 8.21
N PHE B 24 27.84 -11.85 7.49
CA PHE B 24 28.00 -11.78 6.05
C PHE B 24 26.67 -11.44 5.38
N ILE B 25 26.74 -10.51 4.44
CA ILE B 25 25.55 -10.07 3.71
C ILE B 25 25.07 -11.14 2.73
N LYS B 26 23.82 -11.56 2.92
CA LYS B 26 23.19 -12.51 2.04
C LYS B 26 22.00 -11.79 1.39
N GLY B 27 22.19 -11.24 0.20
CA GLY B 27 21.12 -10.49 -0.43
C GLY B 27 20.55 -11.03 -1.72
N VAL B 28 19.43 -10.44 -2.10
CA VAL B 28 18.75 -10.78 -3.33
C VAL B 28 18.18 -9.48 -3.89
N ASP B 29 18.22 -9.36 -5.20
CA ASP B 29 17.65 -8.21 -5.87
C ASP B 29 16.37 -8.76 -6.51
N VAL B 30 15.21 -8.33 -6.03
CA VAL B 30 13.92 -8.79 -6.57
C VAL B 30 13.10 -7.60 -7.06
N SER B 31 13.77 -6.72 -7.79
CA SER B 31 13.16 -5.51 -8.31
C SER B 31 11.92 -5.75 -9.18
N SER B 32 11.91 -6.86 -9.91
CA SER B 32 10.79 -7.19 -10.78
C SER B 32 9.54 -7.66 -10.03
N ILE B 33 9.64 -7.86 -8.73
CA ILE B 33 8.51 -8.36 -7.94
C ILE B 33 7.18 -7.61 -8.08
N ILE B 34 7.19 -6.28 -8.01
CA ILE B 34 5.93 -5.54 -8.12
C ILE B 34 5.25 -5.76 -9.46
N ALA B 35 5.96 -5.54 -10.57
CA ALA B 35 5.37 -5.74 -11.89
C ALA B 35 4.85 -7.17 -12.05
N LEU B 36 5.54 -8.14 -11.45
CA LEU B 36 5.13 -9.54 -11.53
C LEU B 36 3.83 -9.80 -10.77
N GLU B 37 3.74 -9.30 -9.55
CA GLU B 37 2.53 -9.49 -8.75
C GLU B 37 1.35 -8.81 -9.45
N GLU B 38 1.58 -7.69 -10.12
CA GLU B 38 0.50 -6.98 -10.83
C GLU B 38 0.10 -7.79 -12.06
N SER B 39 1.00 -8.65 -12.53
CA SER B 39 0.73 -9.49 -13.69
C SER B 39 0.02 -10.77 -13.26
N GLY B 40 -0.22 -10.90 -11.96
CA GLY B 40 -0.91 -12.08 -11.45
C GLY B 40 -0.02 -13.22 -10.95
N VAL B 41 1.30 -13.02 -10.95
CA VAL B 41 2.21 -14.06 -10.49
C VAL B 41 2.13 -14.20 -8.97
N ALA B 42 2.15 -15.44 -8.49
CA ALA B 42 2.08 -15.69 -7.06
C ALA B 42 3.23 -16.59 -6.61
N PHE B 43 3.68 -16.39 -5.37
CA PHE B 43 4.77 -17.19 -4.82
C PHE B 43 4.31 -17.97 -3.62
N TYR B 44 4.99 -19.08 -3.34
CA TYR B 44 4.65 -19.94 -2.22
C TYR B 44 5.84 -20.26 -1.34
N ASN B 45 5.58 -20.93 -0.22
CA ASN B 45 6.63 -21.32 0.70
C ASN B 45 6.85 -22.83 0.57
N GLU B 46 7.66 -23.38 1.45
CA GLU B 46 7.95 -24.81 1.43
C GLU B 46 6.66 -25.63 1.50
N SER B 47 5.81 -25.31 2.46
CA SER B 47 4.54 -26.02 2.67
C SER B 47 3.63 -26.03 1.45
N GLY B 48 3.82 -25.07 0.54
CA GLY B 48 3.00 -25.04 -0.64
C GLY B 48 1.80 -24.11 -0.57
N LYS B 49 1.83 -23.15 0.36
CA LYS B 49 0.75 -22.20 0.50
C LYS B 49 1.21 -20.78 0.14
N LYS B 50 0.37 -20.05 -0.59
CA LYS B 50 0.67 -18.68 -0.99
C LYS B 50 1.26 -17.93 0.19
N GLN B 51 2.31 -17.16 -0.09
CA GLN B 51 3.00 -16.41 0.95
C GLN B 51 3.83 -15.29 0.36
N ASP B 52 3.90 -14.15 1.04
CA ASP B 52 4.68 -13.00 0.59
C ASP B 52 6.11 -13.49 0.37
N ILE B 53 6.64 -13.25 -0.84
CA ILE B 53 8.00 -13.69 -1.15
C ILE B 53 9.03 -13.14 -0.15
N PHE B 54 8.81 -11.93 0.33
CA PHE B 54 9.73 -11.32 1.29
C PHE B 54 9.78 -12.10 2.59
N LYS B 55 8.69 -12.79 2.91
CA LYS B 55 8.61 -13.59 4.11
C LYS B 55 9.40 -14.86 3.89
N THR B 56 9.27 -15.42 2.70
CA THR B 56 9.96 -16.65 2.31
C THR B 56 11.45 -16.41 2.23
N LEU B 57 11.85 -15.27 1.68
CA LEU B 57 13.27 -14.94 1.58
C LEU B 57 13.86 -14.86 2.98
N LYS B 58 13.14 -14.18 3.88
CA LYS B 58 13.60 -14.01 5.25
C LYS B 58 13.85 -15.34 5.94
N GLU B 59 12.91 -16.26 5.80
CA GLU B 59 13.01 -17.57 6.42
C GLU B 59 14.12 -18.41 5.77
N ALA B 60 14.48 -18.07 4.55
CA ALA B 60 15.54 -18.81 3.85
C ALA B 60 16.93 -18.30 4.29
N GLY B 61 16.95 -17.29 5.16
CA GLY B 61 18.22 -16.76 5.61
C GLY B 61 18.72 -15.48 4.95
N VAL B 62 17.92 -14.93 4.04
CA VAL B 62 18.30 -13.68 3.36
C VAL B 62 18.23 -12.54 4.38
N ASN B 63 19.19 -11.62 4.33
CA ASN B 63 19.21 -10.51 5.27
C ASN B 63 19.34 -9.16 4.59
N TYR B 64 19.14 -9.13 3.27
CA TYR B 64 19.31 -7.88 2.51
C TYR B 64 18.55 -7.93 1.19
N VAL B 65 17.96 -6.80 0.81
CA VAL B 65 17.24 -6.72 -0.46
C VAL B 65 17.79 -5.56 -1.26
N ARG B 66 18.09 -5.81 -2.54
CA ARG B 66 18.63 -4.79 -3.42
C ARG B 66 17.57 -4.42 -4.44
N VAL B 67 17.42 -3.12 -4.71
CA VAL B 67 16.42 -2.68 -5.67
C VAL B 67 16.98 -1.63 -6.62
N ARG B 68 16.78 -1.83 -7.93
CA ARG B 68 17.27 -0.88 -8.92
C ARG B 68 16.29 0.29 -9.01
N ILE B 69 16.80 1.49 -9.29
CA ILE B 69 15.94 2.66 -9.36
C ILE B 69 16.25 3.53 -10.58
N TRP B 70 15.26 3.67 -11.45
CA TRP B 70 15.39 4.49 -12.65
C TRP B 70 14.66 5.82 -12.34
N ASN B 71 15.18 6.91 -12.86
CA ASN B 71 14.57 8.22 -12.62
C ASN B 71 13.12 8.31 -13.12
N ASP B 72 12.93 8.09 -14.41
CA ASP B 72 11.60 8.17 -15.02
C ASP B 72 11.51 7.13 -16.14
N PRO B 73 11.31 5.85 -15.76
CA PRO B 73 11.19 4.72 -16.70
C PRO B 73 9.86 4.64 -17.46
N TYR B 74 9.41 5.78 -18.00
CA TYR B 74 8.15 5.84 -18.75
C TYR B 74 8.27 6.82 -19.91
N ASP B 75 7.39 6.70 -20.91
CA ASP B 75 7.40 7.63 -22.03
C ASP B 75 6.53 8.82 -21.66
N ALA B 76 6.37 9.76 -22.58
CA ALA B 76 5.57 10.95 -22.34
C ALA B 76 4.15 10.67 -21.81
N ASN B 77 3.54 9.60 -22.32
CA ASN B 77 2.17 9.26 -21.91
C ASN B 77 2.04 8.45 -20.62
N GLY B 78 3.17 8.06 -20.05
CA GLY B 78 3.13 7.28 -18.82
C GLY B 78 3.18 5.79 -19.04
N ASN B 79 3.60 5.38 -20.23
CA ASN B 79 3.72 3.95 -20.53
C ASN B 79 5.08 3.41 -20.06
N GLY B 80 5.04 2.47 -19.12
CA GLY B 80 6.26 1.89 -18.58
C GLY B 80 7.20 1.29 -19.58
N TYR B 81 8.50 1.46 -19.34
CA TYR B 81 9.54 0.92 -20.20
C TYR B 81 9.71 -0.58 -19.96
N GLY B 82 9.11 -1.06 -18.87
CA GLY B 82 9.22 -2.47 -18.53
C GLY B 82 10.40 -2.71 -17.59
N GLY B 83 10.95 -3.93 -17.64
CA GLY B 83 12.07 -4.26 -16.78
C GLY B 83 11.69 -4.12 -15.33
N GLY B 84 10.38 -4.10 -15.06
CA GLY B 84 9.87 -3.96 -13.72
C GLY B 84 9.37 -2.55 -13.41
N ASN B 85 9.57 -1.63 -14.35
CA ASN B 85 9.17 -0.23 -14.19
C ASN B 85 9.62 0.28 -12.84
N ASN B 86 10.88 -0.02 -12.50
CA ASN B 86 11.43 0.36 -11.21
C ASN B 86 11.78 1.82 -11.01
N ASP B 87 10.89 2.50 -10.30
CA ASP B 87 11.05 3.91 -10.00
C ASP B 87 11.19 4.05 -8.48
N LEU B 88 11.26 5.28 -7.99
CA LEU B 88 11.37 5.50 -6.56
C LEU B 88 10.15 4.95 -5.82
N GLU B 89 8.97 5.07 -6.42
CA GLU B 89 7.74 4.58 -5.80
C GLU B 89 7.78 3.07 -5.54
N LYS B 90 8.26 2.30 -6.52
CA LYS B 90 8.34 0.86 -6.33
C LYS B 90 9.47 0.53 -5.37
N ALA B 91 10.52 1.35 -5.39
CA ALA B 91 11.65 1.13 -4.50
C ALA B 91 11.16 1.25 -3.06
N ILE B 92 10.22 2.17 -2.83
CA ILE B 92 9.68 2.36 -1.50
C ILE B 92 8.79 1.17 -1.11
N GLN B 93 7.96 0.70 -2.05
CA GLN B 93 7.12 -0.46 -1.78
C GLN B 93 8.00 -1.65 -1.37
N ILE B 94 9.03 -1.91 -2.17
CA ILE B 94 9.94 -3.01 -1.89
C ILE B 94 10.68 -2.81 -0.58
N GLY B 95 11.17 -1.59 -0.37
CA GLY B 95 11.89 -1.29 0.86
C GLY B 95 11.07 -1.56 2.11
N LYS B 96 9.82 -1.10 2.11
CA LYS B 96 8.94 -1.29 3.25
C LYS B 96 8.71 -2.76 3.55
N ARG B 97 8.57 -3.56 2.50
CA ARG B 97 8.35 -4.99 2.69
C ARG B 97 9.64 -5.67 3.13
N ALA B 98 10.78 -5.16 2.66
CA ALA B 98 12.07 -5.71 3.07
C ALA B 98 12.23 -5.42 4.56
N THR B 99 12.01 -4.16 4.92
CA THR B 99 12.11 -3.71 6.31
C THR B 99 11.12 -4.46 7.20
N ALA B 100 9.90 -4.65 6.70
CA ALA B 100 8.86 -5.36 7.46
C ALA B 100 9.25 -6.81 7.72
N ASN B 101 10.16 -7.34 6.91
CA ASN B 101 10.60 -8.72 7.08
C ASN B 101 12.02 -8.82 7.61
N GLY B 102 12.45 -7.75 8.28
CA GLY B 102 13.76 -7.71 8.88
C GLY B 102 14.95 -7.82 7.97
N MET B 103 14.92 -7.17 6.82
CA MET B 103 16.03 -7.21 5.88
C MET B 103 16.42 -5.78 5.51
N LYS B 104 17.72 -5.50 5.51
CA LYS B 104 18.23 -4.18 5.16
C LYS B 104 18.02 -3.95 3.67
N LEU B 105 18.06 -2.70 3.24
CA LEU B 105 17.89 -2.38 1.83
C LEU B 105 19.14 -1.80 1.17
N LEU B 106 19.32 -2.14 -0.10
CA LEU B 106 20.43 -1.63 -0.90
C LEU B 106 19.74 -0.88 -2.03
N ALA B 107 19.77 0.44 -1.99
CA ALA B 107 19.16 1.24 -3.05
C ALA B 107 20.15 1.37 -4.19
N ASP B 108 19.78 0.87 -5.37
CA ASP B 108 20.66 0.93 -6.53
C ASP B 108 20.20 1.96 -7.56
N PHE B 109 20.80 3.16 -7.49
CA PHE B 109 20.46 4.24 -8.41
C PHE B 109 21.20 4.07 -9.75
N HIS B 110 20.45 3.85 -10.82
CA HIS B 110 21.09 3.71 -12.13
C HIS B 110 21.39 5.09 -12.72
N TYR B 111 20.67 6.10 -12.24
CA TYR B 111 20.83 7.47 -12.73
C TYR B 111 20.64 7.45 -14.23
N SER B 112 19.52 6.87 -14.64
CA SER B 112 19.15 6.73 -16.05
C SER B 112 17.68 6.36 -15.99
N ASP B 113 16.96 6.56 -17.09
CA ASP B 113 15.54 6.20 -17.09
C ASP B 113 15.36 4.71 -17.37
N PHE B 114 16.44 4.02 -17.73
CA PHE B 114 16.38 2.58 -18.02
C PHE B 114 17.72 1.89 -17.75
N TRP B 115 17.79 0.60 -18.06
CA TRP B 115 18.99 -0.20 -17.83
C TRP B 115 20.32 0.51 -18.01
N ALA B 116 21.16 0.42 -16.98
CA ALA B 116 22.49 1.03 -17.01
C ALA B 116 23.49 -0.12 -16.89
N ASP B 117 24.38 -0.24 -17.86
CA ASP B 117 25.38 -1.29 -17.83
C ASP B 117 26.63 -0.86 -18.60
N PRO B 118 27.56 -1.79 -18.89
CA PRO B 118 28.75 -1.36 -19.62
C PRO B 118 28.50 -0.57 -20.90
N ALA B 119 27.45 -0.95 -21.63
CA ALA B 119 27.13 -0.28 -22.89
C ALA B 119 26.10 0.86 -22.76
N LYS B 120 25.24 0.79 -21.75
CA LYS B 120 24.21 1.81 -21.57
C LYS B 120 24.31 2.60 -20.27
N GLN B 121 24.55 3.90 -20.41
CA GLN B 121 24.63 4.83 -19.28
C GLN B 121 24.03 6.14 -19.80
N LYS B 122 22.78 6.07 -20.21
CA LYS B 122 22.09 7.24 -20.76
C LYS B 122 21.53 8.16 -19.68
N ALA B 123 21.70 9.47 -19.88
CA ALA B 123 21.20 10.44 -18.93
C ALA B 123 19.68 10.39 -18.89
N PRO B 124 19.09 10.66 -17.73
CA PRO B 124 17.63 10.64 -17.63
C PRO B 124 17.10 11.68 -18.61
N LYS B 125 15.90 11.46 -19.14
CA LYS B 125 15.31 12.40 -20.08
C LYS B 125 15.34 13.82 -19.53
N ALA B 126 15.07 13.95 -18.23
CA ALA B 126 15.03 15.24 -17.58
C ALA B 126 16.37 15.97 -17.49
N TRP B 127 17.47 15.23 -17.67
CA TRP B 127 18.80 15.84 -17.58
C TRP B 127 19.49 15.93 -18.94
N ALA B 128 18.77 15.55 -19.99
CA ALA B 128 19.33 15.55 -21.33
C ALA B 128 19.90 16.90 -21.76
N ASN B 129 19.20 17.99 -21.45
CA ASN B 129 19.65 19.32 -21.85
C ASN B 129 20.28 20.15 -20.73
N LEU B 130 20.98 19.52 -19.82
CA LEU B 130 21.63 20.24 -18.73
C LEU B 130 23.14 20.22 -18.91
N ASN B 131 23.78 21.33 -18.55
CA ASN B 131 25.23 21.42 -18.64
C ASN B 131 25.72 20.54 -17.48
N PHE B 132 26.95 20.08 -17.55
CA PHE B 132 27.46 19.26 -16.47
C PHE B 132 27.15 19.73 -15.05
N GLU B 133 27.32 21.04 -14.74
CA GLU B 133 27.15 21.66 -13.38
C GLU B 133 25.76 21.46 -12.89
N ASP B 134 24.78 21.63 -13.78
CA ASP B 134 23.37 21.43 -13.40
C ASP B 134 22.94 19.96 -13.27
N LYS B 135 23.58 19.11 -14.06
CA LYS B 135 23.28 17.69 -14.04
C LYS B 135 23.82 17.14 -12.72
N LYS B 136 24.99 17.61 -12.30
CA LYS B 136 25.60 17.16 -11.05
C LYS B 136 24.70 17.55 -9.89
N THR B 137 24.24 18.79 -9.90
CA THR B 137 23.35 19.28 -8.86
C THR B 137 22.04 18.48 -8.88
N ALA B 138 21.57 18.15 -10.08
CA ALA B 138 20.33 17.38 -10.22
C ALA B 138 20.53 15.96 -9.66
N LEU B 139 21.67 15.35 -9.97
CA LEU B 139 21.98 14.00 -9.50
C LEU B 139 22.02 14.01 -7.97
N TYR B 140 22.72 14.99 -7.42
CA TYR B 140 22.81 15.15 -5.98
C TYR B 140 21.42 15.28 -5.34
N GLN B 141 20.64 16.25 -5.79
CA GLN B 141 19.30 16.45 -5.25
C GLN B 141 18.39 15.23 -5.41
N TYR B 142 18.40 14.61 -6.59
CA TYR B 142 17.57 13.42 -6.81
C TYR B 142 17.89 12.36 -5.76
N THR B 143 19.18 12.10 -5.57
CA THR B 143 19.62 11.11 -4.59
C THR B 143 19.14 11.51 -3.21
N LYS B 144 19.39 12.77 -2.86
CA LYS B 144 18.99 13.33 -1.57
C LYS B 144 17.50 13.19 -1.31
N GLN B 145 16.67 13.61 -2.26
CA GLN B 145 15.22 13.52 -2.09
C GLN B 145 14.72 12.08 -2.04
N SER B 146 15.26 11.25 -2.93
CA SER B 146 14.87 9.83 -2.97
C SER B 146 15.13 9.19 -1.60
N LEU B 147 16.33 9.38 -1.08
CA LEU B 147 16.70 8.82 0.22
C LEU B 147 15.76 9.31 1.34
N LYS B 148 15.51 10.62 1.39
CA LYS B 148 14.63 11.19 2.41
C LYS B 148 13.27 10.53 2.34
N ALA B 149 12.72 10.42 1.13
CA ALA B 149 11.42 9.80 0.95
C ALA B 149 11.43 8.38 1.55
N MET B 150 12.49 7.62 1.28
CA MET B 150 12.59 6.26 1.81
C MET B 150 12.66 6.28 3.33
N LYS B 151 13.41 7.22 3.89
CA LYS B 151 13.50 7.34 5.34
C LYS B 151 12.11 7.62 5.89
N ALA B 152 11.44 8.61 5.29
CA ALA B 152 10.10 9.00 5.73
C ALA B 152 9.16 7.79 5.74
N ALA B 153 9.41 6.82 4.86
CA ALA B 153 8.58 5.63 4.78
C ALA B 153 8.95 4.59 5.85
N GLY B 154 9.99 4.88 6.61
CA GLY B 154 10.41 3.96 7.65
C GLY B 154 11.32 2.84 7.18
N ILE B 155 11.84 2.96 5.95
CA ILE B 155 12.72 1.95 5.38
C ILE B 155 14.12 1.92 6.00
N ASP B 156 14.58 0.73 6.32
CA ASP B 156 15.91 0.57 6.92
C ASP B 156 16.93 0.43 5.78
N ILE B 157 17.58 1.55 5.44
CA ILE B 157 18.56 1.56 4.36
C ILE B 157 19.97 1.27 4.86
N GLY B 158 20.53 0.14 4.44
CA GLY B 158 21.86 -0.22 4.86
C GLY B 158 22.96 0.15 3.89
N MET B 159 22.62 0.33 2.62
CA MET B 159 23.63 0.63 1.62
C MET B 159 23.01 1.30 0.40
N VAL B 160 23.80 2.11 -0.30
CA VAL B 160 23.34 2.78 -1.51
C VAL B 160 24.40 2.59 -2.59
N GLN B 161 23.95 2.29 -3.80
CA GLN B 161 24.85 2.09 -4.91
C GLN B 161 24.74 3.36 -5.74
N VAL B 162 25.86 4.05 -5.96
CA VAL B 162 25.88 5.26 -6.77
C VAL B 162 26.26 4.86 -8.18
N GLY B 163 25.26 4.45 -8.96
CA GLY B 163 25.50 4.01 -10.32
C GLY B 163 25.45 2.49 -10.37
N ASN B 164 25.30 1.94 -11.57
CA ASN B 164 25.21 0.48 -11.75
C ASN B 164 26.11 0.06 -12.91
N GLU B 165 27.12 -0.76 -12.61
CA GLU B 165 28.07 -1.23 -13.61
C GLU B 165 28.58 -0.07 -14.49
N THR B 166 29.07 0.97 -13.84
CA THR B 166 29.58 2.16 -14.50
C THR B 166 31.02 1.95 -15.01
N ASN B 167 31.21 0.94 -15.84
CA ASN B 167 32.52 0.63 -16.40
C ASN B 167 33.03 1.72 -17.33
N GLY B 168 32.13 2.40 -18.04
CA GLY B 168 32.57 3.42 -18.97
C GLY B 168 31.73 4.68 -19.04
N GLY B 169 30.83 4.86 -18.09
CA GLY B 169 30.03 6.07 -18.11
C GLY B 169 29.05 6.17 -16.97
N LEU B 170 28.42 7.33 -16.87
CA LEU B 170 27.43 7.59 -15.84
C LEU B 170 26.61 8.81 -16.20
N ALA B 171 25.29 8.63 -16.25
CA ALA B 171 24.37 9.72 -16.56
C ALA B 171 24.78 10.53 -17.79
N GLY B 172 25.17 9.84 -18.85
CA GLY B 172 25.55 10.52 -20.08
C GLY B 172 26.98 11.01 -20.17
N GLU B 173 27.74 10.83 -19.10
CA GLU B 173 29.13 11.28 -19.06
C GLU B 173 30.08 10.09 -19.21
N THR B 174 31.16 10.28 -19.96
CA THR B 174 32.13 9.19 -20.16
C THR B 174 33.54 9.56 -19.73
N ASP B 175 33.76 10.82 -19.36
CA ASP B 175 35.06 11.27 -18.91
C ASP B 175 35.15 10.96 -17.42
N TRP B 176 36.15 10.18 -17.03
CA TRP B 176 36.30 9.79 -15.63
C TRP B 176 36.41 10.91 -14.63
N ALA B 177 36.89 12.07 -15.07
CA ALA B 177 37.00 13.21 -14.18
C ALA B 177 35.60 13.69 -13.85
N LYS B 178 34.73 13.69 -14.86
CA LYS B 178 33.35 14.11 -14.66
C LYS B 178 32.56 13.02 -13.95
N MET B 179 32.90 11.76 -14.25
CA MET B 179 32.23 10.63 -13.62
C MET B 179 32.47 10.66 -12.11
N SER B 180 33.72 10.94 -11.72
CA SER B 180 34.08 11.01 -10.32
C SER B 180 33.33 12.10 -9.58
N GLN B 181 33.11 13.24 -10.23
CA GLN B 181 32.37 14.33 -9.60
C GLN B 181 30.92 13.90 -9.39
N LEU B 182 30.40 13.10 -10.33
CA LEU B 182 29.04 12.60 -10.21
C LEU B 182 29.02 11.57 -9.08
N PHE B 183 30.03 10.70 -9.05
CA PHE B 183 30.10 9.71 -7.98
C PHE B 183 30.08 10.47 -6.65
N ASN B 184 30.89 11.52 -6.57
CA ASN B 184 30.94 12.32 -5.34
C ASN B 184 29.63 13.05 -5.05
N ALA B 185 28.99 13.59 -6.08
CA ALA B 185 27.73 14.28 -5.87
C ALA B 185 26.77 13.28 -5.20
N GLY B 186 26.64 12.09 -5.80
CA GLY B 186 25.76 11.07 -5.24
C GLY B 186 26.15 10.70 -3.83
N SER B 187 27.44 10.40 -3.64
CA SER B 187 27.98 10.03 -2.33
C SER B 187 27.64 11.08 -1.27
N GLN B 188 27.80 12.35 -1.62
CA GLN B 188 27.50 13.43 -0.69
C GLN B 188 26.06 13.33 -0.13
N ALA B 189 25.07 13.15 -1.02
CA ALA B 189 23.68 13.01 -0.60
C ALA B 189 23.51 11.86 0.40
N VAL B 190 24.19 10.75 0.16
CA VAL B 190 24.10 9.60 1.06
C VAL B 190 24.65 9.99 2.42
N ARG B 191 25.84 10.59 2.41
CA ARG B 191 26.55 11.06 3.60
C ARG B 191 25.67 12.02 4.41
N GLU B 192 25.03 12.96 3.71
CA GLU B 192 24.15 13.94 4.36
C GLU B 192 22.89 13.28 4.91
N THR B 193 22.51 12.14 4.34
CA THR B 193 21.31 11.45 4.77
C THR B 193 21.49 10.61 6.04
N ASP B 194 22.53 9.80 6.07
CA ASP B 194 22.83 8.94 7.22
C ASP B 194 24.27 8.49 7.08
N SER B 195 25.11 8.86 8.03
CA SER B 195 26.53 8.50 7.99
C SER B 195 26.79 7.01 8.14
N ASN B 196 25.77 6.25 8.52
CA ASN B 196 25.92 4.80 8.70
C ASN B 196 25.68 4.01 7.41
N ILE B 197 25.07 4.65 6.42
CA ILE B 197 24.79 4.00 5.14
C ILE B 197 26.09 3.82 4.37
N LEU B 198 26.34 2.59 3.90
CA LEU B 198 27.56 2.32 3.15
C LEU B 198 27.38 2.81 1.72
N VAL B 199 28.40 3.44 1.17
CA VAL B 199 28.34 3.94 -0.19
C VAL B 199 29.12 2.97 -1.08
N ALA B 200 28.44 2.43 -2.08
CA ALA B 200 29.09 1.49 -2.98
C ALA B 200 29.13 1.94 -4.42
N LEU B 201 30.21 1.58 -5.10
CA LEU B 201 30.38 1.87 -6.52
C LEU B 201 30.34 0.46 -7.14
N HIS B 202 29.69 0.34 -8.30
CA HIS B 202 29.50 -0.97 -8.92
C HIS B 202 30.10 -1.09 -10.32
N PHE B 203 31.00 -2.06 -10.49
CA PHE B 203 31.64 -2.30 -11.76
C PHE B 203 31.49 -3.77 -12.15
N THR B 204 31.89 -4.10 -13.37
CA THR B 204 31.79 -5.47 -13.84
C THR B 204 32.95 -5.88 -14.76
N ASN B 205 32.91 -7.13 -15.21
CA ASN B 205 33.98 -7.71 -16.04
C ASN B 205 35.28 -7.75 -15.25
N PRO B 206 35.26 -8.43 -14.09
CA PRO B 206 36.43 -8.55 -13.22
C PRO B 206 37.56 -9.33 -13.91
N GLU B 207 37.20 -10.13 -14.90
CA GLU B 207 38.16 -10.93 -15.63
C GLU B 207 39.06 -10.15 -16.57
N THR B 208 38.71 -8.90 -16.85
CA THR B 208 39.54 -8.08 -17.73
C THR B 208 40.84 -7.73 -17.04
N SER B 209 41.95 -8.08 -17.69
CA SER B 209 43.28 -7.84 -17.15
C SER B 209 43.57 -6.38 -16.75
N GLY B 210 43.77 -6.17 -15.44
CA GLY B 210 44.08 -4.86 -14.93
C GLY B 210 42.93 -3.87 -14.75
N ARG B 211 41.75 -4.19 -15.27
CA ARG B 211 40.62 -3.26 -15.16
C ARG B 211 40.34 -2.74 -13.73
N TYR B 212 39.96 -3.62 -12.82
CA TYR B 212 39.66 -3.20 -11.47
C TYR B 212 40.79 -2.41 -10.83
N ALA B 213 42.03 -2.79 -11.12
CA ALA B 213 43.18 -2.10 -10.55
C ALA B 213 43.19 -0.65 -11.07
N TRP B 214 42.95 -0.50 -12.36
CA TRP B 214 42.94 0.83 -12.98
C TRP B 214 41.80 1.69 -12.44
N ILE B 215 40.61 1.11 -12.31
CA ILE B 215 39.45 1.84 -11.81
C ILE B 215 39.65 2.30 -10.38
N ALA B 216 40.13 1.40 -9.52
CA ALA B 216 40.36 1.75 -8.12
C ALA B 216 41.34 2.92 -7.99
N GLU B 217 42.43 2.86 -8.76
CA GLU B 217 43.46 3.88 -8.75
C GLU B 217 42.93 5.23 -9.26
N THR B 218 42.09 5.16 -10.29
CA THR B 218 41.49 6.37 -10.84
C THR B 218 40.55 7.02 -9.82
N LEU B 219 39.74 6.19 -9.17
CA LEU B 219 38.82 6.69 -8.15
C LEU B 219 39.64 7.36 -7.06
N HIS B 220 40.77 6.76 -6.72
CA HIS B 220 41.63 7.33 -5.70
C HIS B 220 42.18 8.70 -6.08
N ARG B 221 42.75 8.81 -7.27
CA ARG B 221 43.33 10.10 -7.67
C ARG B 221 42.32 11.22 -7.81
N HIS B 222 41.06 10.87 -8.04
CA HIS B 222 39.97 11.83 -8.18
C HIS B 222 39.27 11.99 -6.85
N HIS B 223 39.95 11.47 -5.84
CA HIS B 223 39.43 11.46 -4.48
C HIS B 223 37.92 11.23 -4.38
N VAL B 224 37.46 10.09 -4.91
CA VAL B 224 36.05 9.69 -4.86
C VAL B 224 35.77 9.07 -3.49
N ASP B 225 34.80 9.61 -2.77
CA ASP B 225 34.44 9.11 -1.45
C ASP B 225 33.41 7.98 -1.49
N TYR B 226 33.89 6.75 -1.34
CA TYR B 226 33.01 5.57 -1.33
C TYR B 226 33.55 4.51 -0.36
N ASP B 227 32.67 3.62 0.11
CA ASP B 227 33.07 2.57 1.06
C ASP B 227 33.24 1.16 0.47
N VAL B 228 32.37 0.81 -0.47
CA VAL B 228 32.42 -0.52 -1.07
C VAL B 228 32.71 -0.55 -2.57
N PHE B 229 33.65 -1.39 -2.95
CA PHE B 229 33.97 -1.56 -4.37
C PHE B 229 33.22 -2.83 -4.75
N ALA B 230 32.05 -2.67 -5.36
CA ALA B 230 31.24 -3.81 -5.72
C ALA B 230 31.45 -4.28 -7.15
N SER B 231 31.27 -5.58 -7.35
CA SER B 231 31.46 -6.18 -8.64
C SER B 231 30.33 -7.15 -8.97
N SER B 232 30.01 -7.26 -10.25
CA SER B 232 29.02 -8.24 -10.68
C SER B 232 29.84 -9.51 -10.89
N TYR B 233 29.21 -10.67 -10.83
CA TYR B 233 29.93 -11.90 -11.10
C TYR B 233 29.01 -12.98 -11.64
N TYR B 234 29.03 -13.10 -12.96
CA TYR B 234 28.24 -14.09 -13.66
C TYR B 234 29.27 -15.08 -14.21
N PRO B 235 29.38 -16.26 -13.58
CA PRO B 235 30.34 -17.30 -13.99
C PRO B 235 30.37 -17.58 -15.49
N PHE B 236 29.27 -17.32 -16.19
CA PHE B 236 29.21 -17.56 -17.62
C PHE B 236 30.31 -16.83 -18.39
N TRP B 237 30.56 -15.57 -18.02
CA TRP B 237 31.55 -14.77 -18.75
C TRP B 237 32.64 -14.09 -17.92
N HIS B 238 32.45 -14.00 -16.61
CA HIS B 238 33.41 -13.26 -15.80
C HIS B 238 34.62 -13.91 -15.20
N GLY B 239 35.13 -14.97 -15.82
CA GLY B 239 36.32 -15.61 -15.32
C GLY B 239 36.19 -16.53 -14.12
N THR B 240 37.33 -16.89 -13.56
CA THR B 240 37.41 -17.80 -12.43
C THR B 240 37.15 -17.12 -11.08
N LEU B 241 36.71 -17.92 -10.11
CA LEU B 241 36.44 -17.45 -8.77
C LEU B 241 37.77 -17.01 -8.15
N LYS B 242 38.83 -17.74 -8.48
CA LYS B 242 40.17 -17.43 -7.99
C LYS B 242 40.53 -16.00 -8.40
N ASN B 243 40.28 -15.67 -9.66
CA ASN B 243 40.58 -14.33 -10.16
C ASN B 243 39.73 -13.28 -9.44
N LEU B 244 38.44 -13.58 -9.30
CA LEU B 244 37.53 -12.65 -8.62
C LEU B 244 38.12 -12.29 -7.26
N THR B 245 38.46 -13.32 -6.47
CA THR B 245 39.03 -13.10 -5.14
C THR B 245 40.29 -12.26 -5.24
N SER B 246 41.14 -12.60 -6.21
CA SER B 246 42.39 -11.88 -6.41
C SER B 246 42.18 -10.39 -6.70
N VAL B 247 41.38 -10.09 -7.70
CA VAL B 247 41.13 -8.71 -8.07
C VAL B 247 40.46 -7.89 -6.95
N LEU B 248 39.50 -8.49 -6.25
CA LEU B 248 38.83 -7.78 -5.16
C LEU B 248 39.75 -7.62 -3.95
N THR B 249 40.60 -8.62 -3.72
CA THR B 249 41.51 -8.54 -2.58
C THR B 249 42.54 -7.42 -2.80
N SER B 250 42.97 -7.24 -4.04
CA SER B 250 43.95 -6.21 -4.34
C SER B 250 43.35 -4.83 -4.10
N VAL B 251 42.08 -4.66 -4.46
CA VAL B 251 41.43 -3.37 -4.25
C VAL B 251 41.28 -3.13 -2.75
N ALA B 252 40.81 -4.14 -2.02
CA ALA B 252 40.65 -4.04 -0.57
C ALA B 252 41.97 -3.66 0.11
N ASP B 253 43.00 -4.45 -0.14
CA ASP B 253 44.33 -4.23 0.45
C ASP B 253 44.94 -2.88 0.08
N THR B 254 44.92 -2.56 -1.20
CA THR B 254 45.51 -1.33 -1.69
C THR B 254 44.79 -0.02 -1.33
N TYR B 255 43.46 -0.03 -1.30
CA TYR B 255 42.72 1.20 -1.01
C TYR B 255 41.89 1.16 0.27
N GLY B 256 42.00 0.08 1.02
CA GLY B 256 41.26 -0.04 2.25
C GLY B 256 39.76 0.05 2.08
N LYS B 257 39.23 -0.61 1.06
CA LYS B 257 37.78 -0.60 0.84
C LYS B 257 37.18 -1.97 1.14
N LYS B 258 35.87 -1.98 1.41
CA LYS B 258 35.19 -3.24 1.64
C LYS B 258 34.89 -3.65 0.20
N VAL B 259 34.65 -4.94 -0.04
CA VAL B 259 34.32 -5.42 -1.38
C VAL B 259 33.16 -6.39 -1.29
N MET B 260 32.46 -6.58 -2.40
CA MET B 260 31.32 -7.49 -2.43
C MET B 260 30.87 -7.78 -3.86
N VAL B 261 30.00 -8.78 -4.00
CA VAL B 261 29.44 -9.11 -5.29
C VAL B 261 28.00 -8.59 -5.25
N ALA B 262 27.75 -7.56 -6.07
CA ALA B 262 26.45 -6.91 -6.14
C ALA B 262 25.43 -7.68 -6.98
N GLU B 263 25.92 -8.59 -7.82
CA GLU B 263 25.06 -9.38 -8.69
C GLU B 263 25.69 -10.70 -9.06
N THR B 264 24.92 -11.77 -8.97
CA THR B 264 25.40 -13.09 -9.35
C THR B 264 24.19 -13.99 -9.50
N SER B 265 24.36 -15.07 -10.26
CA SER B 265 23.28 -16.03 -10.48
C SER B 265 23.78 -17.24 -11.24
N TYR B 266 22.89 -18.21 -11.42
CA TYR B 266 23.21 -19.41 -12.18
C TYR B 266 21.93 -20.10 -12.63
N THR B 267 22.06 -20.88 -13.69
CA THR B 267 20.96 -21.61 -14.29
C THR B 267 20.67 -22.95 -13.61
N TYR B 268 19.43 -23.16 -13.20
CA TYR B 268 19.06 -24.42 -12.56
C TYR B 268 18.41 -25.34 -13.60
N THR B 269 18.14 -24.78 -14.77
CA THR B 269 17.52 -25.54 -15.86
C THR B 269 17.85 -24.86 -17.17
N ALA B 270 17.83 -25.64 -18.24
CA ALA B 270 18.11 -25.11 -19.56
C ALA B 270 16.82 -24.66 -20.23
N GLU B 271 15.69 -25.06 -19.65
CA GLU B 271 14.38 -24.71 -20.19
C GLU B 271 14.00 -23.24 -20.03
N ASP B 272 13.33 -22.69 -21.05
CA ASP B 272 12.86 -21.31 -21.03
C ASP B 272 11.39 -21.41 -20.62
N GLY B 273 11.07 -20.88 -19.45
CA GLY B 273 9.71 -20.96 -18.94
C GLY B 273 8.63 -20.02 -19.42
N ASP B 274 8.98 -18.94 -20.14
CA ASP B 274 7.96 -17.99 -20.59
C ASP B 274 7.90 -17.68 -22.08
N GLY B 275 8.78 -18.27 -22.86
CA GLY B 275 8.75 -18.02 -24.30
C GLY B 275 9.73 -16.98 -24.80
N HIS B 276 10.32 -16.23 -23.89
CA HIS B 276 11.29 -15.21 -24.28
C HIS B 276 12.71 -15.73 -23.99
N GLY B 277 13.46 -15.98 -25.07
CA GLY B 277 14.82 -16.51 -24.98
C GLY B 277 15.59 -16.04 -23.77
N ASN B 278 16.20 -16.98 -23.07
CA ASN B 278 16.96 -16.68 -21.87
C ASN B 278 18.42 -16.31 -22.13
N THR B 279 19.01 -15.62 -21.16
CA THR B 279 20.40 -15.19 -21.27
C THR B 279 21.34 -16.39 -21.22
N ALA B 280 20.98 -17.39 -20.42
CA ALA B 280 21.81 -18.57 -20.30
C ALA B 280 20.93 -19.79 -20.06
N PRO B 281 21.45 -20.99 -20.35
CA PRO B 281 22.81 -21.25 -20.82
C PRO B 281 22.87 -21.11 -22.34
N LYS B 282 24.05 -20.78 -22.85
CA LYS B 282 24.25 -20.61 -24.28
C LYS B 282 25.62 -21.14 -24.69
N ASN B 283 25.69 -21.63 -25.92
CA ASN B 283 26.93 -22.15 -26.45
C ASN B 283 27.97 -21.04 -26.28
N GLY B 284 29.20 -21.42 -25.92
CA GLY B 284 30.26 -20.44 -25.73
C GLY B 284 30.49 -20.08 -24.27
N GLN B 285 29.39 -19.90 -23.53
CA GLN B 285 29.46 -19.56 -22.13
C GLN B 285 30.15 -20.63 -21.31
N THR B 286 30.79 -20.23 -20.21
CA THR B 286 31.48 -21.17 -19.34
C THR B 286 30.49 -21.70 -18.30
N LEU B 287 30.39 -23.03 -18.20
CA LEU B 287 29.48 -23.67 -17.26
C LEU B 287 30.21 -24.72 -16.43
N ASN B 288 30.84 -24.28 -15.35
CA ASN B 288 31.60 -25.19 -14.49
C ASN B 288 30.73 -26.05 -13.61
N ASN B 289 29.44 -25.73 -13.55
CA ASN B 289 28.53 -26.51 -12.74
C ASN B 289 27.39 -27.02 -13.59
N PRO B 290 26.87 -28.21 -13.24
CA PRO B 290 25.76 -28.75 -14.03
C PRO B 290 24.58 -27.79 -13.98
N VAL B 291 23.80 -27.76 -15.04
CA VAL B 291 22.64 -26.89 -15.09
C VAL B 291 21.50 -27.61 -14.39
N THR B 292 21.56 -27.58 -13.06
CA THR B 292 20.56 -28.23 -12.22
C THR B 292 20.40 -27.42 -10.95
N VAL B 293 19.45 -27.83 -10.12
CA VAL B 293 19.22 -27.15 -8.86
C VAL B 293 20.46 -27.24 -7.98
N GLN B 294 21.12 -28.39 -8.00
CA GLN B 294 22.33 -28.54 -7.19
C GLN B 294 23.45 -27.71 -7.77
N GLY B 295 23.61 -27.74 -9.09
CA GLY B 295 24.68 -26.96 -9.72
C GLY B 295 24.53 -25.49 -9.38
N GLN B 296 23.30 -25.01 -9.41
CA GLN B 296 23.02 -23.62 -9.10
C GLN B 296 23.47 -23.35 -7.66
N ALA B 297 23.12 -24.26 -6.75
CA ALA B 297 23.50 -24.13 -5.35
C ALA B 297 25.02 -24.13 -5.20
N ASN B 298 25.69 -24.98 -5.97
CA ASN B 298 27.15 -25.05 -5.89
C ASN B 298 27.71 -23.70 -6.27
N ALA B 299 27.20 -23.16 -7.37
CA ALA B 299 27.65 -21.86 -7.86
C ALA B 299 27.49 -20.73 -6.86
N VAL B 300 26.33 -20.64 -6.22
CA VAL B 300 26.09 -19.58 -5.25
C VAL B 300 27.02 -19.75 -4.06
N ARG B 301 27.10 -20.99 -3.56
CA ARG B 301 27.96 -21.30 -2.43
C ARG B 301 29.42 -20.93 -2.75
N ASP B 302 29.86 -21.19 -3.97
CA ASP B 302 31.23 -20.90 -4.37
C ASP B 302 31.57 -19.42 -4.43
N VAL B 303 30.65 -18.58 -4.91
CA VAL B 303 30.95 -17.16 -4.96
C VAL B 303 30.94 -16.57 -3.57
N ILE B 304 30.16 -17.17 -2.68
CA ILE B 304 30.12 -16.71 -1.30
C ILE B 304 31.48 -17.04 -0.69
N GLN B 305 32.01 -18.21 -1.04
CA GLN B 305 33.31 -18.66 -0.56
C GLN B 305 34.37 -17.70 -1.08
N ALA B 306 34.34 -17.44 -2.37
CA ALA B 306 35.31 -16.56 -3.01
C ALA B 306 35.36 -15.15 -2.41
N VAL B 307 34.19 -14.60 -2.08
CA VAL B 307 34.15 -13.27 -1.49
C VAL B 307 34.64 -13.35 -0.06
N SER B 308 34.22 -14.40 0.65
CA SER B 308 34.65 -14.61 2.03
C SER B 308 36.17 -14.76 2.09
N ASP B 309 36.76 -15.38 1.06
CA ASP B 309 38.20 -15.58 1.01
C ASP B 309 38.97 -14.28 0.94
N VAL B 310 38.29 -13.17 0.64
CA VAL B 310 38.97 -11.89 0.57
C VAL B 310 39.46 -11.49 1.96
N GLY B 311 38.76 -11.96 2.98
CA GLY B 311 39.12 -11.63 4.34
C GLY B 311 38.07 -10.71 4.92
N GLU B 312 38.43 -9.88 5.89
CA GLU B 312 37.44 -8.99 6.51
C GLU B 312 36.77 -8.05 5.52
N ALA B 313 37.48 -7.71 4.45
CA ALA B 313 36.94 -6.80 3.45
C ALA B 313 35.76 -7.37 2.66
N GLY B 314 35.71 -8.68 2.52
CA GLY B 314 34.60 -9.30 1.78
C GLY B 314 33.36 -9.30 2.65
N ILE B 315 32.43 -8.40 2.36
CA ILE B 315 31.23 -8.27 3.18
C ILE B 315 29.97 -8.99 2.72
N GLY B 316 29.90 -9.41 1.47
CA GLY B 316 28.69 -10.09 1.05
C GLY B 316 28.48 -10.40 -0.43
N VAL B 317 27.34 -11.01 -0.70
CA VAL B 317 26.95 -11.40 -2.05
C VAL B 317 25.45 -11.21 -2.23
N PHE B 318 25.07 -10.56 -3.33
CA PHE B 318 23.66 -10.36 -3.66
C PHE B 318 23.33 -11.20 -4.89
N TYR B 319 22.29 -12.02 -4.79
CA TYR B 319 21.87 -12.84 -5.93
C TYR B 319 20.96 -11.96 -6.76
N TRP B 320 21.22 -11.86 -8.06
CA TRP B 320 20.39 -11.00 -8.89
C TRP B 320 19.13 -11.69 -9.46
N GLU B 321 17.97 -11.14 -9.12
CA GLU B 321 16.68 -11.64 -9.60
C GLU B 321 16.45 -13.13 -9.44
N PRO B 322 16.26 -13.59 -8.19
CA PRO B 322 16.02 -15.00 -7.90
C PRO B 322 14.55 -15.38 -8.05
N ALA B 323 13.74 -14.45 -8.54
CA ALA B 323 12.32 -14.71 -8.70
C ALA B 323 11.67 -14.02 -9.90
N TRP B 324 12.41 -13.88 -11.00
CA TRP B 324 11.85 -13.27 -12.20
C TRP B 324 11.26 -14.40 -13.03
N ILE B 325 10.26 -15.06 -12.45
CA ILE B 325 9.62 -16.19 -13.11
C ILE B 325 8.59 -15.77 -14.15
N PRO B 326 8.18 -16.72 -15.02
CA PRO B 326 7.21 -16.46 -16.08
C PRO B 326 5.82 -16.02 -15.62
N VAL B 327 5.20 -15.16 -16.42
CA VAL B 327 3.84 -14.70 -16.13
C VAL B 327 2.91 -15.75 -16.70
N GLY B 328 3.47 -16.64 -17.51
CA GLY B 328 2.70 -17.69 -18.14
C GLY B 328 3.60 -18.67 -18.88
N PRO B 329 3.06 -19.83 -19.31
CA PRO B 329 3.80 -20.87 -20.03
C PRO B 329 4.35 -20.43 -21.39
N ALA B 330 5.45 -21.04 -21.80
CA ALA B 330 6.10 -20.71 -23.05
C ALA B 330 5.16 -20.82 -24.26
N HIS B 331 4.26 -21.80 -24.26
CA HIS B 331 3.35 -21.95 -25.38
C HIS B 331 2.30 -20.83 -25.44
N ARG B 332 2.17 -20.08 -24.35
CA ARG B 332 1.22 -18.99 -24.30
C ARG B 332 1.97 -17.68 -24.53
N LEU B 333 2.93 -17.71 -25.44
CA LEU B 333 3.74 -16.55 -25.76
C LEU B 333 2.94 -15.27 -26.03
N GLU B 334 2.01 -15.33 -26.98
CA GLU B 334 1.22 -14.14 -27.33
C GLU B 334 0.41 -13.59 -26.16
N LYS B 335 -0.07 -14.47 -25.30
CA LYS B 335 -0.82 -14.05 -24.13
C LYS B 335 0.14 -13.34 -23.20
N ASN B 336 1.33 -13.92 -23.06
CA ASN B 336 2.36 -13.37 -22.19
C ASN B 336 2.75 -11.95 -22.57
N LYS B 337 2.91 -11.71 -23.87
CA LYS B 337 3.29 -10.40 -24.36
C LYS B 337 2.31 -9.34 -23.88
N ALA B 338 1.04 -9.73 -23.75
CA ALA B 338 0.01 -8.81 -23.29
C ALA B 338 0.34 -8.33 -21.89
N LEU B 339 0.75 -9.28 -21.04
CA LEU B 339 1.11 -8.96 -19.66
C LEU B 339 2.40 -8.15 -19.58
N TRP B 340 3.40 -8.55 -20.36
CA TRP B 340 4.68 -7.86 -20.36
C TRP B 340 4.50 -6.41 -20.77
N GLU B 341 3.73 -6.23 -21.84
CA GLU B 341 3.44 -4.93 -22.42
C GLU B 341 2.62 -4.02 -21.50
N THR B 342 1.66 -4.63 -20.79
CA THR B 342 0.79 -3.87 -19.89
C THR B 342 1.39 -3.57 -18.51
N TYR B 343 1.96 -4.59 -17.87
CA TYR B 343 2.53 -4.40 -16.54
C TYR B 343 4.05 -4.28 -16.49
N GLY B 344 4.70 -4.39 -17.64
CA GLY B 344 6.14 -4.28 -17.67
C GLY B 344 6.81 -5.32 -16.80
N SER B 345 6.22 -6.50 -16.76
CA SER B 345 6.76 -7.60 -15.96
C SER B 345 7.81 -8.40 -16.75
N GLY B 346 8.18 -7.88 -17.92
CA GLY B 346 9.18 -8.50 -18.77
C GLY B 346 10.41 -7.61 -18.63
N TRP B 347 11.51 -7.92 -19.32
CA TRP B 347 12.71 -7.10 -19.18
C TRP B 347 12.59 -5.74 -19.84
N ALA B 348 11.66 -5.63 -20.78
CA ALA B 348 11.43 -4.38 -21.47
C ALA B 348 10.14 -4.43 -22.28
N THR B 349 9.55 -3.25 -22.47
CA THR B 349 8.33 -3.12 -23.27
C THR B 349 8.68 -2.39 -24.56
N SER B 350 7.80 -2.46 -25.55
CA SER B 350 8.06 -1.77 -26.80
C SER B 350 8.14 -0.26 -26.56
N TYR B 351 7.49 0.19 -25.49
CA TYR B 351 7.45 1.60 -25.14
C TYR B 351 8.82 2.18 -24.80
N ALA B 352 9.82 1.32 -24.64
CA ALA B 352 11.16 1.78 -24.31
C ALA B 352 11.98 2.11 -25.55
N ALA B 353 11.44 1.80 -26.73
CA ALA B 353 12.14 2.05 -27.98
C ALA B 353 12.58 3.50 -28.16
N GLU B 354 11.82 4.44 -27.59
CA GLU B 354 12.17 5.85 -27.71
C GLU B 354 13.46 6.15 -26.98
N TYR B 355 13.63 5.54 -25.81
CA TYR B 355 14.82 5.77 -24.99
C TYR B 355 16.02 4.92 -25.40
N ASP B 356 15.75 3.67 -25.76
CA ASP B 356 16.81 2.76 -26.16
C ASP B 356 16.36 1.96 -27.39
N PRO B 357 16.42 2.58 -28.57
CA PRO B 357 16.03 1.94 -29.83
C PRO B 357 16.97 0.84 -30.28
N GLU B 358 18.25 0.99 -29.96
CA GLU B 358 19.26 0.02 -30.35
C GLU B 358 19.16 -1.36 -29.70
N ASP B 359 18.82 -1.39 -28.41
CA ASP B 359 18.73 -2.66 -27.70
C ASP B 359 17.30 -3.05 -27.33
N ALA B 360 16.73 -2.37 -26.34
CA ALA B 360 15.36 -2.65 -25.92
C ALA B 360 14.40 -2.50 -27.08
N GLY B 361 14.68 -1.55 -27.95
CA GLY B 361 13.83 -1.29 -29.09
C GLY B 361 13.50 -2.49 -29.97
N LYS B 362 14.44 -3.42 -30.09
CA LYS B 362 14.18 -4.58 -30.95
C LYS B 362 14.19 -5.92 -30.23
N TRP B 363 14.53 -5.93 -28.95
CA TRP B 363 14.59 -7.16 -28.20
C TRP B 363 13.66 -7.18 -26.99
N PHE B 364 12.77 -6.20 -26.91
CA PHE B 364 11.84 -6.10 -25.80
C PHE B 364 10.98 -7.36 -25.68
N GLY B 365 10.62 -7.73 -24.46
CA GLY B 365 9.82 -8.93 -24.26
C GLY B 365 9.65 -9.37 -22.82
N GLY B 366 9.80 -10.67 -22.58
CA GLY B 366 9.62 -11.20 -21.25
C GLY B 366 10.89 -11.31 -20.42
N SER B 367 10.89 -12.30 -19.53
CA SER B 367 12.02 -12.56 -18.64
C SER B 367 13.13 -13.32 -19.36
N ALA B 368 14.36 -12.89 -19.16
CA ALA B 368 15.51 -13.53 -19.78
C ALA B 368 16.24 -14.38 -18.75
N VAL B 369 15.71 -14.39 -17.54
CA VAL B 369 16.35 -15.13 -16.47
C VAL B 369 15.43 -16.02 -15.63
N ASP B 370 14.28 -16.40 -16.16
CA ASP B 370 13.37 -17.25 -15.41
C ASP B 370 14.02 -18.57 -15.01
N ASN B 371 15.02 -19.03 -15.77
CA ASN B 371 15.70 -20.28 -15.46
C ASN B 371 16.87 -20.12 -14.48
N GLN B 372 17.06 -18.92 -13.94
CA GLN B 372 18.07 -18.66 -12.94
C GLN B 372 17.48 -18.21 -11.63
N ALA B 373 16.19 -18.46 -11.53
CA ALA B 373 15.47 -18.12 -10.32
C ALA B 373 15.71 -19.19 -9.25
N LEU B 374 15.34 -18.87 -8.01
CA LEU B 374 15.48 -19.82 -6.92
C LEU B 374 14.11 -20.39 -6.58
N PHE B 375 13.17 -20.12 -7.47
CA PHE B 375 11.79 -20.59 -7.37
C PHE B 375 11.52 -21.27 -8.72
N ASP B 376 10.59 -22.23 -8.75
CA ASP B 376 10.31 -22.88 -10.04
C ASP B 376 9.38 -21.99 -10.86
N PHE B 377 9.04 -22.41 -12.07
CA PHE B 377 8.18 -21.62 -12.93
C PHE B 377 6.80 -21.29 -12.35
N LYS B 378 6.42 -21.99 -11.28
CA LYS B 378 5.12 -21.79 -10.65
C LYS B 378 5.16 -21.06 -9.31
N GLY B 379 6.32 -20.52 -8.95
CA GLY B 379 6.43 -19.79 -7.69
C GLY B 379 6.74 -20.63 -6.48
N ARG B 380 7.11 -21.89 -6.68
CA ARG B 380 7.46 -22.75 -5.55
C ARG B 380 8.96 -22.61 -5.31
N PRO B 381 9.37 -22.48 -4.05
CA PRO B 381 10.81 -22.34 -3.78
C PRO B 381 11.58 -23.61 -4.11
N LEU B 382 12.69 -23.46 -4.83
CA LEU B 382 13.53 -24.60 -5.18
C LEU B 382 14.41 -24.93 -3.96
N PRO B 383 14.92 -26.16 -3.88
CA PRO B 383 15.77 -26.51 -2.74
C PRO B 383 17.04 -25.67 -2.65
N SER B 384 17.48 -25.14 -3.79
CA SER B 384 18.68 -24.32 -3.81
C SER B 384 18.49 -23.03 -3.00
N LEU B 385 17.24 -22.67 -2.75
CA LEU B 385 16.98 -21.46 -1.99
C LEU B 385 17.63 -21.59 -0.61
N HIS B 386 17.83 -22.84 -0.21
CA HIS B 386 18.45 -23.19 1.08
C HIS B 386 19.93 -22.89 1.18
N VAL B 387 20.57 -22.48 0.09
CA VAL B 387 22.02 -22.26 0.13
C VAL B 387 22.41 -21.16 1.11
N PHE B 388 21.56 -20.15 1.22
CA PHE B 388 21.85 -19.03 2.10
C PHE B 388 22.03 -19.47 3.54
N GLN B 389 21.24 -20.44 3.96
CA GLN B 389 21.29 -20.95 5.33
C GLN B 389 22.40 -22.00 5.51
N TYR B 390 22.54 -22.87 4.50
CA TYR B 390 23.52 -23.95 4.56
C TYR B 390 24.98 -23.57 4.46
N VAL B 391 25.30 -22.39 3.92
CA VAL B 391 26.71 -22.00 3.81
C VAL B 391 27.37 -21.85 5.19
N ASP B 392 26.56 -21.56 6.21
CA ASP B 392 27.07 -21.39 7.57
C ASP B 392 27.44 -22.71 8.23
N THR B 393 26.60 -23.72 8.02
CA THR B 393 26.81 -25.02 8.63
C THR B 393 27.14 -26.18 7.71
N GLY B 394 26.63 -26.12 6.48
CA GLY B 394 26.84 -27.21 5.55
C GLY B 394 25.55 -28.00 5.63
N THR B 395 25.31 -28.91 4.69
CA THR B 395 24.05 -29.66 4.72
C THR B 395 23.78 -30.40 6.05
N PRO B 396 22.55 -30.25 6.58
CA PRO B 396 22.01 -30.84 7.83
C PRO B 396 21.79 -32.36 7.82
N PHE B 397 21.77 -32.97 9.00
CA PHE B 397 21.55 -34.41 9.12
C PHE B 397 20.20 -34.72 9.76
N LYS B 398 19.95 -34.24 10.89
#